data_9OL1
# 
_entry.id   9OL1 
# 
_audit_conform.dict_name       mmcif_pdbx.dic 
_audit_conform.dict_version    5.407 
_audit_conform.dict_location   http://mmcif.pdb.org/dictionaries/ascii/mmcif_pdbx.dic 
# 
loop_
_database_2.database_id 
_database_2.database_code 
_database_2.pdbx_database_accession 
_database_2.pdbx_DOI 
PDB   9OL1         pdb_00009ol1 10.2210/pdb9ol1/pdb 
WWPDB D_1000295004 ?            ?                   
# 
loop_
_pdbx_audit_revision_history.ordinal 
_pdbx_audit_revision_history.data_content_type 
_pdbx_audit_revision_history.major_revision 
_pdbx_audit_revision_history.minor_revision 
_pdbx_audit_revision_history.revision_date 
_pdbx_audit_revision_history.part_number 
1 'Structure model' 1 0 2025-10-22 ? 
2 'Structure model' 1 1 2025-11-26 ? 
# 
_pdbx_audit_revision_details.ordinal             1 
_pdbx_audit_revision_details.revision_ordinal    1 
_pdbx_audit_revision_details.data_content_type   'Structure model' 
_pdbx_audit_revision_details.provider            repository 
_pdbx_audit_revision_details.type                'Initial release' 
_pdbx_audit_revision_details.description         ? 
_pdbx_audit_revision_details.details             ? 
# 
_pdbx_audit_revision_group.ordinal             1 
_pdbx_audit_revision_group.revision_ordinal    2 
_pdbx_audit_revision_group.data_content_type   'Structure model' 
_pdbx_audit_revision_group.group               'Database references' 
# 
loop_
_pdbx_audit_revision_category.ordinal 
_pdbx_audit_revision_category.revision_ordinal 
_pdbx_audit_revision_category.data_content_type 
_pdbx_audit_revision_category.category 
1 2 'Structure model' citation        
2 2 'Structure model' citation_author 
# 
_pdbx_database_status.status_code                     REL 
_pdbx_database_status.status_code_sf                  REL 
_pdbx_database_status.status_code_mr                  ? 
_pdbx_database_status.entry_id                        9OL1 
_pdbx_database_status.recvd_initial_deposition_date   2025-05-11 
_pdbx_database_status.SG_entry                        N 
_pdbx_database_status.deposit_site                    RCSB 
_pdbx_database_status.process_site                    RCSB 
_pdbx_database_status.status_code_cs                  ? 
_pdbx_database_status.status_code_nmr_data            ? 
_pdbx_database_status.methods_development_category    ? 
_pdbx_database_status.pdb_format_compatible           Y 
# 
_pdbx_contact_author.id                 2 
_pdbx_contact_author.email              jwszostak@uchicago.edu 
_pdbx_contact_author.name_first         Jack 
_pdbx_contact_author.name_last          Szostak 
_pdbx_contact_author.name_mi            W 
_pdbx_contact_author.role               'principal investigator/group leader' 
_pdbx_contact_author.identifier_ORCID   0000-0003-4131-1203 
# 
loop_
_audit_author.name 
_audit_author.pdbx_ordinal 
_audit_author.identifier_ORCID 
'Fang, Z.'      1 0000-0001-8679-6633 
'Szostak, J.W.' 2 0000-0003-4131-1203 
# 
loop_
_citation.abstract 
_citation.abstract_id_CAS 
_citation.book_id_ISBN 
_citation.book_publisher 
_citation.book_publisher_city 
_citation.book_title 
_citation.coordinate_linkage 
_citation.country 
_citation.database_id_Medline 
_citation.details 
_citation.id 
_citation.journal_abbrev 
_citation.journal_id_ASTM 
_citation.journal_id_CSD 
_citation.journal_id_ISSN 
_citation.journal_full 
_citation.journal_issue 
_citation.journal_volume 
_citation.language 
_citation.page_first 
_citation.page_last 
_citation.title 
_citation.year 
_citation.database_id_CSD 
_citation.pdbx_database_id_DOI 
_citation.pdbx_database_id_PubMed 
_citation.pdbx_database_id_patent 
_citation.unpublished_flag 
? ? ? ? ? ? ? UK ? ? primary 'Nucleic Acids Res.' NARHAD 0389 1362-4962 ? ? 53 ? ? ? 
;Impact of 2'-deoxyribo-purine substrates on nonenzymatic RNA template-directed primer extension.
;
2025 ? 10.1093/nar/gkaf1228      41261857 ? ? 
? ? ? ? ? ? ? US ? ? 1       Biorxiv              ?      ?    2692-8205 ? ? ?  ? ? ? 
;Impact of 2'-deoxyribo-purine substrates on nonenzymatic RNA template-directed primer extension.
;
2025 ? 10.1101/2025.08.29.673048 40909494 ? ? 
# 
loop_
_citation_author.citation_id 
_citation_author.name 
_citation_author.ordinal 
_citation_author.identifier_ORCID 
primary 'Fang, Z.'      1  0000-0001-8679-6633 
primary 'Acikgoz, O.'   2  ?                   
primary 'Jia, X.'       3  0000-0001-9094-9882 
primary 'Essex, J.'     4  ?                   
primary 'Wen, R.'       5  ?                   
primary 'Szostak, J.W.' 6  0000-0003-4131-1203 
1       'Fang, Z.'      7  0000-0001-8679-6633 
1       'Acikgoz, O.'   8  0009-0001-3296-1637 
1       'Jia, X.'       9  0000-0001-9094-9882 
1       'Essex, J.'     10 0009-0003-6281-4798 
1       'Wen, R.'       11 ?                   
1       'Szostak, J.W.' 12 0000-0003-4131-1203 
# 
loop_
_entity.id 
_entity.type 
_entity.src_method 
_entity.pdbx_description 
_entity.formula_weight 
_entity.pdbx_number_of_molecules 
_entity.pdbx_ec 
_entity.pdbx_mutation 
_entity.pdbx_fragment 
_entity.details 
1 polymer     syn 
;DNA/RNA (5'-R(*AP*GP*AP*GP*AP*A)-D(P*I)-R(P*AP*UP*(RSP)P*UP*UP*CP*UP*CP*U)-3')
;
5068.114 1  ? ? ? ? 
2 non-polymer syn 'CALCIUM ION'                                                                    40.078   1  ? ? ? ? 
3 water       nat water                                                                            18.015   80 ? ? ? ? 
# 
_entity_poly.entity_id                      1 
_entity_poly.type                           'polydeoxyribonucleotide/polyribonucleotide hybrid' 
_entity_poly.nstd_linkage                   no 
_entity_poly.nstd_monomer                   yes 
_entity_poly.pdbx_seq_one_letter_code       'AGAGAA(DI)AU(RSP)UUCUCU' 
_entity_poly.pdbx_seq_one_letter_code_can   AGAGAAIAUCUUCUCU 
_entity_poly.pdbx_strand_id                 A 
_entity_poly.pdbx_target_identifier         ? 
# 
loop_
_pdbx_entity_nonpoly.entity_id 
_pdbx_entity_nonpoly.name 
_pdbx_entity_nonpoly.comp_id 
2 'CALCIUM ION' CA  
3 water         HOH 
# 
loop_
_entity_poly_seq.entity_id 
_entity_poly_seq.num 
_entity_poly_seq.mon_id 
_entity_poly_seq.hetero 
1 1  A   n 
1 2  G   n 
1 3  A   n 
1 4  G   n 
1 5  A   n 
1 6  A   n 
1 7  DI  n 
1 8  A   n 
1 9  U   n 
1 10 RSP n 
1 11 U   n 
1 12 U   n 
1 13 C   n 
1 14 U   n 
1 15 C   n 
1 16 U   n 
# 
_pdbx_entity_src_syn.entity_id              1 
_pdbx_entity_src_syn.pdbx_src_id            1 
_pdbx_entity_src_syn.pdbx_alt_source_flag   sample 
_pdbx_entity_src_syn.pdbx_beg_seq_num       1 
_pdbx_entity_src_syn.pdbx_end_seq_num       16 
_pdbx_entity_src_syn.organism_scientific    'synthetic construct' 
_pdbx_entity_src_syn.organism_common_name   ? 
_pdbx_entity_src_syn.ncbi_taxonomy_id       32630 
_pdbx_entity_src_syn.details                ? 
# 
loop_
_chem_comp.id 
_chem_comp.type 
_chem_comp.mon_nstd_flag 
_chem_comp.name 
_chem_comp.pdbx_synonyms 
_chem_comp.formula 
_chem_comp.formula_weight 
A   'RNA linking' y "ADENOSINE-5'-MONOPHOSPHATE"                                            ? 'C10 H14 N5 O7 P'  347.221 
C   'RNA linking' y "CYTIDINE-5'-MONOPHOSPHATE"                                             ? 'C9 H14 N3 O8 P'   323.197 
CA  non-polymer   . 'CALCIUM ION'                                                           ? 'Ca 2'             40.078  
DI  'DNA linking' y "2'-DEOXYINOSINE-5'-MONOPHOSPHATE"                                      ? 'C10 H13 N4 O7 P'  332.207 
G   'RNA linking' y "GUANOSINE-5'-MONOPHOSPHATE"                                            ? 'C10 H14 N5 O8 P'  363.221 
HOH non-polymer   . WATER                                                                   ? 'H2 O'             18.015  
RSP 'RNA linking' n '4-amino-1-(5-O-phosphono-beta-D-ribofuranosyl)pyrimidine-2(1H)-thione' ? 'C9 H14 N3 O7 P S' 339.262 
U   'RNA linking' y "URIDINE-5'-MONOPHOSPHATE"                                              ? 'C9 H13 N2 O9 P'   324.181 
# 
loop_
_pdbx_poly_seq_scheme.asym_id 
_pdbx_poly_seq_scheme.entity_id 
_pdbx_poly_seq_scheme.seq_id 
_pdbx_poly_seq_scheme.mon_id 
_pdbx_poly_seq_scheme.ndb_seq_num 
_pdbx_poly_seq_scheme.pdb_seq_num 
_pdbx_poly_seq_scheme.auth_seq_num 
_pdbx_poly_seq_scheme.pdb_mon_id 
_pdbx_poly_seq_scheme.auth_mon_id 
_pdbx_poly_seq_scheme.pdb_strand_id 
_pdbx_poly_seq_scheme.pdb_ins_code 
_pdbx_poly_seq_scheme.hetero 
A 1 1  A   1  1  1  A   A   A . n 
A 1 2  G   2  2  2  G   G   A . n 
A 1 3  A   3  3  3  A   A   A . n 
A 1 4  G   4  4  4  G   G   A . n 
A 1 5  A   5  5  5  A   A   A . n 
A 1 6  A   6  6  6  A   A   A . n 
A 1 7  DI  7  7  7  DI  DI  A . n 
A 1 8  A   8  8  8  A   A   A . n 
A 1 9  U   9  9  9  U   U   A . n 
A 1 10 RSP 10 10 10 RSP RSP A . n 
A 1 11 U   11 11 11 U   U   A . n 
A 1 12 U   12 12 12 U   U   A . n 
A 1 13 C   13 13 13 C   C   A . n 
A 1 14 U   14 14 14 U   U   A . n 
A 1 15 C   15 15 15 C   C   A . n 
A 1 16 U   16 16 16 U   U   A . n 
# 
_pdbx_entity_instance_feature.ordinal        1 
_pdbx_entity_instance_feature.comp_id        RSP 
_pdbx_entity_instance_feature.asym_id        ? 
_pdbx_entity_instance_feature.seq_num        ? 
_pdbx_entity_instance_feature.auth_comp_id   RSP 
_pdbx_entity_instance_feature.auth_asym_id   ? 
_pdbx_entity_instance_feature.auth_seq_num   ? 
_pdbx_entity_instance_feature.feature_type   'SUBJECT OF INVESTIGATION' 
_pdbx_entity_instance_feature.details        ? 
# 
loop_
_pdbx_nonpoly_scheme.asym_id 
_pdbx_nonpoly_scheme.entity_id 
_pdbx_nonpoly_scheme.mon_id 
_pdbx_nonpoly_scheme.ndb_seq_num 
_pdbx_nonpoly_scheme.pdb_seq_num 
_pdbx_nonpoly_scheme.auth_seq_num 
_pdbx_nonpoly_scheme.pdb_mon_id 
_pdbx_nonpoly_scheme.auth_mon_id 
_pdbx_nonpoly_scheme.pdb_strand_id 
_pdbx_nonpoly_scheme.pdb_ins_code 
B 2 CA  1  101 1  CA  CA  A . 
C 3 HOH 1  201 51 HOH HOH A . 
C 3 HOH 2  202 34 HOH HOH A . 
C 3 HOH 3  203 69 HOH HOH A . 
C 3 HOH 4  204 73 HOH HOH A . 
C 3 HOH 5  205 10 HOH HOH A . 
C 3 HOH 6  206 12 HOH HOH A . 
C 3 HOH 7  207 55 HOH HOH A . 
C 3 HOH 8  208 59 HOH HOH A . 
C 3 HOH 9  209 2  HOH HOH A . 
C 3 HOH 10 210 36 HOH HOH A . 
C 3 HOH 11 211 14 HOH HOH A . 
C 3 HOH 12 212 63 HOH HOH A . 
C 3 HOH 13 213 74 HOH HOH A . 
C 3 HOH 14 214 57 HOH HOH A . 
C 3 HOH 15 215 66 HOH HOH A . 
C 3 HOH 16 216 52 HOH HOH A . 
C 3 HOH 17 217 84 HOH HOH A . 
C 3 HOH 18 218 53 HOH HOH A . 
C 3 HOH 19 219 25 HOH HOH A . 
C 3 HOH 20 220 40 HOH HOH A . 
C 3 HOH 21 221 18 HOH HOH A . 
C 3 HOH 22 222 39 HOH HOH A . 
C 3 HOH 23 223 4  HOH HOH A . 
C 3 HOH 24 224 13 HOH HOH A . 
C 3 HOH 25 225 71 HOH HOH A . 
C 3 HOH 26 226 28 HOH HOH A . 
C 3 HOH 27 227 80 HOH HOH A . 
C 3 HOH 28 228 5  HOH HOH A . 
C 3 HOH 29 229 47 HOH HOH A . 
C 3 HOH 30 230 16 HOH HOH A . 
C 3 HOH 31 231 32 HOH HOH A . 
C 3 HOH 32 232 33 HOH HOH A . 
C 3 HOH 33 233 37 HOH HOH A . 
C 3 HOH 34 234 35 HOH HOH A . 
C 3 HOH 35 235 15 HOH HOH A . 
C 3 HOH 36 236 49 HOH HOH A . 
C 3 HOH 37 237 17 HOH HOH A . 
C 3 HOH 38 238 72 HOH HOH A . 
C 3 HOH 39 239 11 HOH HOH A . 
C 3 HOH 40 240 3  HOH HOH A . 
C 3 HOH 41 241 38 HOH HOH A . 
C 3 HOH 42 242 20 HOH HOH A . 
C 3 HOH 43 243 68 HOH HOH A . 
C 3 HOH 44 244 65 HOH HOH A . 
C 3 HOH 45 245 1  HOH HOH A . 
C 3 HOH 46 246 9  HOH HOH A . 
C 3 HOH 47 247 30 HOH HOH A . 
C 3 HOH 48 248 24 HOH HOH A . 
C 3 HOH 49 249 42 HOH HOH A . 
C 3 HOH 50 250 21 HOH HOH A . 
C 3 HOH 51 251 76 HOH HOH A . 
C 3 HOH 52 252 54 HOH HOH A . 
C 3 HOH 53 253 41 HOH HOH A . 
C 3 HOH 54 254 45 HOH HOH A . 
C 3 HOH 55 255 43 HOH HOH A . 
C 3 HOH 56 256 64 HOH HOH A . 
C 3 HOH 57 257 77 HOH HOH A . 
C 3 HOH 58 258 31 HOH HOH A . 
C 3 HOH 59 259 58 HOH HOH A . 
C 3 HOH 60 260 56 HOH HOH A . 
C 3 HOH 61 261 29 HOH HOH A . 
C 3 HOH 62 262 26 HOH HOH A . 
C 3 HOH 63 263 27 HOH HOH A . 
C 3 HOH 64 264 22 HOH HOH A . 
C 3 HOH 65 265 60 HOH HOH A . 
C 3 HOH 66 266 23 HOH HOH A . 
C 3 HOH 67 267 61 HOH HOH A . 
C 3 HOH 68 268 48 HOH HOH A . 
C 3 HOH 69 269 44 HOH HOH A . 
C 3 HOH 70 270 82 HOH HOH A . 
C 3 HOH 71 271 75 HOH HOH A . 
C 3 HOH 72 272 19 HOH HOH A . 
C 3 HOH 73 273 83 HOH HOH A . 
C 3 HOH 74 274 79 HOH HOH A . 
C 3 HOH 75 275 67 HOH HOH A . 
C 3 HOH 76 276 50 HOH HOH A . 
C 3 HOH 77 277 70 HOH HOH A . 
C 3 HOH 78 278 46 HOH HOH A . 
C 3 HOH 79 279 81 HOH HOH A . 
C 3 HOH 80 280 78 HOH HOH A . 
# 
loop_
_software.citation_id 
_software.classification 
_software.compiler_name 
_software.compiler_version 
_software.contact_author 
_software.contact_author_email 
_software.date 
_software.description 
_software.dependencies 
_software.hardware 
_software.language 
_software.location 
_software.mods 
_software.name 
_software.os 
_software.os_version 
_software.type 
_software.version 
_software.pdbx_reference_DOI 
_software.pdbx_ordinal 
? refinement       ? ? ? ? ? ? ? ? ? ? ? REFMAC  ? ? ? 5.8.0425 ? 1 
? 'data reduction' ? ? ? ? ? ? ? ? ? ? ? XDS     ? ? ? .        ? 2 
? 'data scaling'   ? ? ? ? ? ? ? ? ? ? ? Aimless ? ? ? .        ? 3 
? phasing          ? ? ? ? ? ? ? ? ? ? ? PHASER  ? ? ? .        ? 4 
# 
_cell.angle_alpha                  90.000 
_cell.angle_alpha_esd              ? 
_cell.angle_beta                   90.000 
_cell.angle_beta_esd               ? 
_cell.angle_gamma                  120.000 
_cell.angle_gamma_esd              ? 
_cell.entry_id                     9OL1 
_cell.details                      ? 
_cell.formula_units_Z              ? 
_cell.length_a                     40.898 
_cell.length_a_esd                 ? 
_cell.length_b                     40.898 
_cell.length_b_esd                 ? 
_cell.length_c                     124.979 
_cell.length_c_esd                 ? 
_cell.volume                       ? 
_cell.volume_esd                   ? 
_cell.Z_PDB                        18 
_cell.reciprocal_angle_alpha       ? 
_cell.reciprocal_angle_beta        ? 
_cell.reciprocal_angle_gamma       ? 
_cell.reciprocal_angle_alpha_esd   ? 
_cell.reciprocal_angle_beta_esd    ? 
_cell.reciprocal_angle_gamma_esd   ? 
_cell.reciprocal_length_a          ? 
_cell.reciprocal_length_b          ? 
_cell.reciprocal_length_c          ? 
_cell.reciprocal_length_a_esd      ? 
_cell.reciprocal_length_b_esd      ? 
_cell.reciprocal_length_c_esd      ? 
_cell.pdbx_unique_axis             ? 
_cell.pdbx_esd_method              ? 
# 
_symmetry.entry_id                         9OL1 
_symmetry.cell_setting                     ? 
_symmetry.Int_Tables_number                155 
_symmetry.space_group_name_Hall            ? 
_symmetry.space_group_name_H-M             'H 3 2' 
_symmetry.pdbx_full_space_group_name_H-M   ? 
# 
_exptl.absorpt_coefficient_mu     ? 
_exptl.absorpt_correction_T_max   ? 
_exptl.absorpt_correction_T_min   ? 
_exptl.absorpt_correction_type    ? 
_exptl.absorpt_process_details    ? 
_exptl.entry_id                   9OL1 
_exptl.crystals_number            1 
_exptl.details                    ? 
_exptl.method                     'X-RAY DIFFRACTION' 
_exptl.method_details             ? 
# 
_exptl_crystal.colour                       ? 
_exptl_crystal.density_diffrn               ? 
_exptl_crystal.density_Matthews             1.98 
_exptl_crystal.density_method               ? 
_exptl_crystal.density_percent_sol          37.82 
_exptl_crystal.description                  ? 
_exptl_crystal.F_000                        ? 
_exptl_crystal.id                           1 
_exptl_crystal.preparation                  ? 
_exptl_crystal.size_max                     ? 
_exptl_crystal.size_mid                     ? 
_exptl_crystal.size_min                     ? 
_exptl_crystal.size_rad                     ? 
_exptl_crystal.colour_lustre                ? 
_exptl_crystal.colour_modifier              ? 
_exptl_crystal.colour_primary               ? 
_exptl_crystal.density_meas                 ? 
_exptl_crystal.density_meas_esd             ? 
_exptl_crystal.density_meas_gt              ? 
_exptl_crystal.density_meas_lt              ? 
_exptl_crystal.density_meas_temp            ? 
_exptl_crystal.density_meas_temp_esd        ? 
_exptl_crystal.density_meas_temp_gt         ? 
_exptl_crystal.density_meas_temp_lt         ? 
_exptl_crystal.pdbx_crystal_image_url       ? 
_exptl_crystal.pdbx_crystal_image_format    ? 
_exptl_crystal.pdbx_mosaicity               ? 
_exptl_crystal.pdbx_mosaicity_esd           ? 
_exptl_crystal.pdbx_mosaic_method           ? 
_exptl_crystal.pdbx_mosaic_block_size       ? 
_exptl_crystal.pdbx_mosaic_block_size_esd   ? 
# 
_exptl_crystal_grow.apparatus       ? 
_exptl_crystal_grow.atmosphere      ? 
_exptl_crystal_grow.crystal_id      1 
_exptl_crystal_grow.details         ? 
_exptl_crystal_grow.method          'VAPOR DIFFUSION, SITTING DROP' 
_exptl_crystal_grow.method_ref      ? 
_exptl_crystal_grow.pH              7.5 
_exptl_crystal_grow.pressure        ? 
_exptl_crystal_grow.pressure_esd    ? 
_exptl_crystal_grow.seeding         ? 
_exptl_crystal_grow.seeding_ref     ? 
_exptl_crystal_grow.temp_details    ? 
_exptl_crystal_grow.temp_esd        ? 
_exptl_crystal_grow.time            ? 
_exptl_crystal_grow.pdbx_details    
'0.2 M Calcium chloride dihydrate, 0.05 M HEPES sodium pH 7.5, 28% v/v Polyethylene glycol 400, 0.002 M Spermine' 
_exptl_crystal_grow.pdbx_pH_range   ? 
_exptl_crystal_grow.temp            293 
# 
_diffrn.ambient_environment              ? 
_diffrn.ambient_temp                     99 
_diffrn.ambient_temp_details             ? 
_diffrn.ambient_temp_esd                 ? 
_diffrn.crystal_id                       1 
_diffrn.crystal_support                  ? 
_diffrn.crystal_treatment                ? 
_diffrn.details                          ? 
_diffrn.id                               1 
_diffrn.ambient_pressure                 ? 
_diffrn.ambient_pressure_esd             ? 
_diffrn.ambient_pressure_gt              ? 
_diffrn.ambient_pressure_lt              ? 
_diffrn.ambient_temp_gt                  ? 
_diffrn.ambient_temp_lt                  ? 
_diffrn.pdbx_serial_crystal_experiment   N 
# 
_diffrn_detector.details                      ? 
_diffrn_detector.detector                     PIXEL 
_diffrn_detector.diffrn_id                    1 
_diffrn_detector.type                         'DECTRIS EIGER X 16M' 
_diffrn_detector.area_resol_mean              ? 
_diffrn_detector.dtime                        ? 
_diffrn_detector.pdbx_frames_total            ? 
_diffrn_detector.pdbx_collection_time_total   ? 
_diffrn_detector.pdbx_collection_date         2025-03-04 
_diffrn_detector.pdbx_frequency               ? 
_diffrn_detector.id                           ? 
_diffrn_detector.number_of_axes               ? 
# 
_diffrn_radiation.collimation                      ? 
_diffrn_radiation.diffrn_id                        1 
_diffrn_radiation.filter_edge                      ? 
_diffrn_radiation.inhomogeneity                    ? 
_diffrn_radiation.monochromator                    ? 
_diffrn_radiation.polarisn_norm                    ? 
_diffrn_radiation.polarisn_ratio                   ? 
_diffrn_radiation.probe                            ? 
_diffrn_radiation.type                             ? 
_diffrn_radiation.xray_symbol                      ? 
_diffrn_radiation.wavelength_id                    1 
_diffrn_radiation.pdbx_monochromatic_or_laue_m_l   M 
_diffrn_radiation.pdbx_wavelength_list             ? 
_diffrn_radiation.pdbx_wavelength                  ? 
_diffrn_radiation.pdbx_diffrn_protocol             'SINGLE WAVELENGTH' 
_diffrn_radiation.pdbx_analyzer                    ? 
_diffrn_radiation.pdbx_scattering_type             x-ray 
# 
_diffrn_radiation_wavelength.id           1 
_diffrn_radiation_wavelength.wavelength   0.97933 
_diffrn_radiation_wavelength.wt           1.0 
# 
_diffrn_source.current                     ? 
_diffrn_source.details                     ? 
_diffrn_source.diffrn_id                   1 
_diffrn_source.power                       ? 
_diffrn_source.size                        ? 
_diffrn_source.source                      SYNCHROTRON 
_diffrn_source.target                      ? 
_diffrn_source.type                        'NSLS-II BEAMLINE 17-ID-2' 
_diffrn_source.voltage                     ? 
_diffrn_source.take-off_angle              ? 
_diffrn_source.pdbx_wavelength_list        0.97933 
_diffrn_source.pdbx_wavelength             ? 
_diffrn_source.pdbx_synchrotron_beamline   17-ID-2 
_diffrn_source.pdbx_synchrotron_site       NSLS-II 
# 
_reflns.B_iso_Wilson_estimate                          ? 
_reflns.entry_id                                       9OL1 
_reflns.data_reduction_details                         ? 
_reflns.data_reduction_method                          ? 
_reflns.d_resolution_high                              1.243 
_reflns.d_resolution_low                               34.077 
_reflns.details                                        ? 
_reflns.limit_h_max                                    ? 
_reflns.limit_h_min                                    ? 
_reflns.limit_k_max                                    ? 
_reflns.limit_k_min                                    ? 
_reflns.limit_l_max                                    ? 
_reflns.limit_l_min                                    ? 
_reflns.number_all                                     ? 
_reflns.number_obs                                     11727 
_reflns.observed_criterion                             ? 
_reflns.observed_criterion_F_max                       ? 
_reflns.observed_criterion_F_min                       ? 
_reflns.observed_criterion_I_max                       ? 
_reflns.observed_criterion_I_min                       ? 
_reflns.observed_criterion_sigma_F                     ? 
_reflns.observed_criterion_sigma_I                     ? 
_reflns.percent_possible_obs                           100 
_reflns.R_free_details                                 ? 
_reflns.Rmerge_F_all                                   ? 
_reflns.Rmerge_F_obs                                   ? 
_reflns.Friedel_coverage                               ? 
_reflns.number_gt                                      ? 
_reflns.threshold_expression                           ? 
_reflns.pdbx_redundancy                                17.6 
_reflns.pdbx_netI_over_av_sigmaI                       ? 
_reflns.pdbx_netI_over_sigmaI                          12.5 
_reflns.pdbx_res_netI_over_av_sigmaI_2                 ? 
_reflns.pdbx_res_netI_over_sigmaI_2                    ? 
_reflns.pdbx_chi_squared                               ? 
_reflns.pdbx_scaling_rejects                           ? 
_reflns.pdbx_d_res_high_opt                            ? 
_reflns.pdbx_d_res_low_opt                             ? 
_reflns.pdbx_d_res_opt_method                          ? 
_reflns.phase_calculation_details                      ? 
_reflns.pdbx_Rrim_I_all                                0.135 
_reflns.pdbx_Rpim_I_all                                0.044 
_reflns.pdbx_d_opt                                     ? 
_reflns.pdbx_number_measured_all                       ? 
_reflns.pdbx_diffrn_id                                 1 
_reflns.pdbx_ordinal                                   1 
_reflns.pdbx_CC_half                                   0.997 
_reflns.pdbx_CC_star                                   ? 
_reflns.pdbx_R_split                                   ? 
_reflns.pdbx_Rmerge_I_obs                              0.128 
_reflns.pdbx_Rmerge_I_all                              ? 
_reflns.pdbx_Rsym_value                                ? 
_reflns.pdbx_CC_split_method                           ? 
_reflns.pdbx_aniso_diffraction_limit_axis_1_ortho[1]   ? 
_reflns.pdbx_aniso_diffraction_limit_axis_1_ortho[2]   ? 
_reflns.pdbx_aniso_diffraction_limit_axis_1_ortho[3]   ? 
_reflns.pdbx_aniso_diffraction_limit_axis_2_ortho[1]   ? 
_reflns.pdbx_aniso_diffraction_limit_axis_2_ortho[2]   ? 
_reflns.pdbx_aniso_diffraction_limit_axis_2_ortho[3]   ? 
_reflns.pdbx_aniso_diffraction_limit_axis_3_ortho[1]   ? 
_reflns.pdbx_aniso_diffraction_limit_axis_3_ortho[2]   ? 
_reflns.pdbx_aniso_diffraction_limit_axis_3_ortho[3]   ? 
_reflns.pdbx_aniso_diffraction_limit_1                 ? 
_reflns.pdbx_aniso_diffraction_limit_2                 ? 
_reflns.pdbx_aniso_diffraction_limit_3                 ? 
_reflns.pdbx_aniso_B_tensor_eigenvector_1_ortho[1]     ? 
_reflns.pdbx_aniso_B_tensor_eigenvector_1_ortho[2]     ? 
_reflns.pdbx_aniso_B_tensor_eigenvector_1_ortho[3]     ? 
_reflns.pdbx_aniso_B_tensor_eigenvector_2_ortho[1]     ? 
_reflns.pdbx_aniso_B_tensor_eigenvector_2_ortho[2]     ? 
_reflns.pdbx_aniso_B_tensor_eigenvector_2_ortho[3]     ? 
_reflns.pdbx_aniso_B_tensor_eigenvector_3_ortho[1]     ? 
_reflns.pdbx_aniso_B_tensor_eigenvector_3_ortho[2]     ? 
_reflns.pdbx_aniso_B_tensor_eigenvector_3_ortho[3]     ? 
_reflns.pdbx_aniso_B_tensor_eigenvalue_1               ? 
_reflns.pdbx_aniso_B_tensor_eigenvalue_2               ? 
_reflns.pdbx_aniso_B_tensor_eigenvalue_3               ? 
_reflns.pdbx_orthogonalization_convention              ? 
_reflns.pdbx_percent_possible_ellipsoidal              ? 
_reflns.pdbx_percent_possible_spherical                ? 
_reflns.pdbx_percent_possible_ellipsoidal_anomalous    ? 
_reflns.pdbx_percent_possible_spherical_anomalous      ? 
_reflns.pdbx_redundancy_anomalous                      ? 
_reflns.pdbx_CC_half_anomalous                         ? 
_reflns.pdbx_absDiff_over_sigma_anomalous              ? 
_reflns.pdbx_percent_possible_anomalous                ? 
_reflns.pdbx_observed_signal_threshold                 ? 
_reflns.pdbx_signal_type                               ? 
_reflns.pdbx_signal_details                            ? 
_reflns.pdbx_signal_software_id                        ? 
# 
_reflns_shell.d_res_high                                    1.243 
_reflns_shell.d_res_low                                     1.265 
_reflns_shell.meanI_over_sigI_all                           ? 
_reflns_shell.meanI_over_sigI_obs                           2.0 
_reflns_shell.number_measured_all                           ? 
_reflns_shell.number_measured_obs                           ? 
_reflns_shell.number_possible                               ? 
_reflns_shell.number_unique_all                             ? 
_reflns_shell.number_unique_obs                             572 
_reflns_shell.percent_possible_obs                          ? 
_reflns_shell.Rmerge_F_all                                  ? 
_reflns_shell.Rmerge_F_obs                                  ? 
_reflns_shell.meanI_over_sigI_gt                            ? 
_reflns_shell.meanI_over_uI_all                             ? 
_reflns_shell.meanI_over_uI_gt                              ? 
_reflns_shell.number_measured_gt                            ? 
_reflns_shell.number_unique_gt                              ? 
_reflns_shell.percent_possible_gt                           ? 
_reflns_shell.Rmerge_F_gt                                   ? 
_reflns_shell.Rmerge_I_gt                                   ? 
_reflns_shell.pdbx_redundancy                               14.7 
_reflns_shell.pdbx_chi_squared                              ? 
_reflns_shell.pdbx_netI_over_sigmaI_all                     ? 
_reflns_shell.pdbx_netI_over_sigmaI_obs                     ? 
_reflns_shell.pdbx_Rrim_I_all                               2.14 
_reflns_shell.pdbx_Rpim_I_all                               0.754 
_reflns_shell.pdbx_rejects                                  ? 
_reflns_shell.pdbx_ordinal                                  1 
_reflns_shell.pdbx_diffrn_id                                1 
_reflns_shell.pdbx_CC_half                                  0.439 
_reflns_shell.pdbx_CC_star                                  ? 
_reflns_shell.pdbx_R_split                                  ? 
_reflns_shell.percent_possible_all                          100 
_reflns_shell.Rmerge_I_all                                  ? 
_reflns_shell.Rmerge_I_obs                                  2.00 
_reflns_shell.pdbx_Rsym_value                               ? 
_reflns_shell.pdbx_percent_possible_ellipsoidal             ? 
_reflns_shell.pdbx_percent_possible_spherical               ? 
_reflns_shell.pdbx_percent_possible_ellipsoidal_anomalous   ? 
_reflns_shell.pdbx_percent_possible_spherical_anomalous     ? 
_reflns_shell.pdbx_redundancy_anomalous                     ? 
_reflns_shell.pdbx_CC_half_anomalous                        ? 
_reflns_shell.pdbx_absDiff_over_sigma_anomalous             ? 
_reflns_shell.pdbx_percent_possible_anomalous               ? 
# 
_refine.aniso_B[1][1]                            0.002 
_refine.aniso_B[1][2]                            0.001 
_refine.aniso_B[1][3]                            0.000 
_refine.aniso_B[2][2]                            0.002 
_refine.aniso_B[2][3]                            0.000 
_refine.aniso_B[3][3]                            -0.007 
_refine.B_iso_max                                ? 
_refine.B_iso_mean                               12.619 
_refine.B_iso_min                                ? 
_refine.correlation_coeff_Fo_to_Fc               0.975 
_refine.correlation_coeff_Fo_to_Fc_free          0.959 
_refine.details                                  'Hydrogens have been added in their riding positions' 
_refine.diff_density_max                         ? 
_refine.diff_density_max_esd                     ? 
_refine.diff_density_min                         ? 
_refine.diff_density_min_esd                     ? 
_refine.diff_density_rms                         ? 
_refine.diff_density_rms_esd                     ? 
_refine.entry_id                                 9OL1 
_refine.pdbx_refine_id                           'X-RAY DIFFRACTION' 
_refine.ls_abs_structure_details                 ? 
_refine.ls_abs_structure_Flack                   ? 
_refine.ls_abs_structure_Flack_esd               ? 
_refine.ls_abs_structure_Rogers                  ? 
_refine.ls_abs_structure_Rogers_esd              ? 
_refine.ls_d_res_high                            1.243 
_refine.ls_d_res_low                             34.077 
_refine.ls_extinction_coef                       ? 
_refine.ls_extinction_coef_esd                   ? 
_refine.ls_extinction_expression                 ? 
_refine.ls_extinction_method                     ? 
_refine.ls_goodness_of_fit_all                   ? 
_refine.ls_goodness_of_fit_all_esd               ? 
_refine.ls_goodness_of_fit_obs                   ? 
_refine.ls_goodness_of_fit_obs_esd               ? 
_refine.ls_hydrogen_treatment                    ? 
_refine.ls_matrix_type                           ? 
_refine.ls_number_constraints                    ? 
_refine.ls_number_parameters                     ? 
_refine.ls_number_reflns_all                     ? 
_refine.ls_number_reflns_obs                     11724 
_refine.ls_number_reflns_R_free                  1173 
_refine.ls_number_reflns_R_work                  10551 
_refine.ls_number_restraints                     ? 
_refine.ls_percent_reflns_obs                    99.957 
_refine.ls_percent_reflns_R_free                 10.005 
_refine.ls_R_factor_all                          0.191 
_refine.ls_R_factor_obs                          ? 
_refine.ls_R_factor_R_free                       0.2290 
_refine.ls_R_factor_R_free_error                 ? 
_refine.ls_R_factor_R_free_error_details         ? 
_refine.ls_R_factor_R_work                       0.1864 
_refine.ls_R_Fsqd_factor_obs                     ? 
_refine.ls_R_I_factor_obs                        ? 
_refine.ls_redundancy_reflns_all                 ? 
_refine.ls_redundancy_reflns_obs                 ? 
_refine.ls_restrained_S_all                      ? 
_refine.ls_restrained_S_obs                      ? 
_refine.ls_shift_over_esd_max                    ? 
_refine.ls_shift_over_esd_mean                   ? 
_refine.ls_structure_factor_coef                 ? 
_refine.ls_weighting_details                     ? 
_refine.ls_weighting_scheme                      ? 
_refine.ls_wR_factor_all                         ? 
_refine.ls_wR_factor_obs                         ? 
_refine.ls_wR_factor_R_free                      ? 
_refine.ls_wR_factor_R_work                      ? 
_refine.occupancy_max                            ? 
_refine.occupancy_min                            ? 
_refine.solvent_model_details                    'MASK BULK SOLVENT' 
_refine.solvent_model_param_bsol                 ? 
_refine.solvent_model_param_ksol                 ? 
_refine.correlation_coeff_I_to_Fcsqd_work        ? 
_refine.correlation_coeff_I_to_Fcsqd_free        ? 
_refine.pdbx_R_complete                          ? 
_refine.ls_R_factor_gt                           ? 
_refine.ls_goodness_of_fit_gt                    ? 
_refine.ls_goodness_of_fit_ref                   ? 
_refine.ls_shift_over_su_max                     ? 
_refine.ls_shift_over_su_max_lt                  ? 
_refine.ls_shift_over_su_mean                    ? 
_refine.ls_shift_over_su_mean_lt                 ? 
_refine.pdbx_ls_sigma_I                          ? 
_refine.pdbx_ls_sigma_F                          ? 
_refine.pdbx_ls_sigma_Fsqd                       ? 
_refine.pdbx_data_cutoff_high_absF               ? 
_refine.pdbx_data_cutoff_high_rms_absF           ? 
_refine.pdbx_data_cutoff_low_absF                ? 
_refine.pdbx_isotropic_thermal_model             ? 
_refine.pdbx_ls_cross_valid_method               THROUGHOUT 
_refine.pdbx_method_to_determine_struct          'MOLECULAR REPLACEMENT' 
_refine.pdbx_starting_model                      ? 
_refine.pdbx_stereochemistry_target_values       ? 
_refine.pdbx_R_Free_selection_details            ? 
_refine.pdbx_stereochem_target_val_spec_case     ? 
_refine.pdbx_overall_ESU_R                       0.052 
_refine.pdbx_overall_ESU_R_Free                  0.058 
_refine.pdbx_solvent_vdw_probe_radii             1.200 
_refine.pdbx_solvent_ion_probe_radii             0.800 
_refine.pdbx_solvent_shrinkage_radii             0.800 
_refine.pdbx_real_space_R                        ? 
_refine.pdbx_density_correlation                 ? 
_refine.pdbx_pd_number_of_powder_patterns        ? 
_refine.pdbx_pd_number_of_points                 ? 
_refine.pdbx_pd_meas_number_of_points            ? 
_refine.pdbx_pd_proc_ls_prof_R_factor            ? 
_refine.pdbx_pd_proc_ls_prof_wR_factor           ? 
_refine.pdbx_pd_Marquardt_correlation_coeff      ? 
_refine.pdbx_pd_Fsqrd_R_factor                   ? 
_refine.pdbx_pd_ls_matrix_band_width             ? 
_refine.pdbx_overall_phase_error                 ? 
_refine.pdbx_overall_SU_R_free_Cruickshank_DPI   ? 
_refine.pdbx_overall_SU_R_free_Blow_DPI          ? 
_refine.pdbx_overall_SU_R_Blow_DPI               ? 
_refine.pdbx_TLS_residual_ADP_flag               ? 
_refine.pdbx_diffrn_id                           1 
_refine.overall_SU_B                             0.949 
_refine.overall_SU_ML                            0.040 
_refine.overall_SU_R_Cruickshank_DPI             ? 
_refine.overall_SU_R_free                        ? 
_refine.overall_FOM_free_R_set                   ? 
_refine.overall_FOM_work_R_set                   ? 
_refine.pdbx_average_fsc_overall                 ? 
_refine.pdbx_average_fsc_work                    ? 
_refine.pdbx_average_fsc_free                    ? 
# 
_refine_hist.pdbx_refine_id                   'X-RAY DIFFRACTION' 
_refine_hist.cycle_id                         LAST 
_refine_hist.details                          ? 
_refine_hist.d_res_high                       1.243 
_refine_hist.d_res_low                        34.077 
_refine_hist.number_atoms_solvent             80 
_refine_hist.number_atoms_total               415 
_refine_hist.number_reflns_all                ? 
_refine_hist.number_reflns_obs                ? 
_refine_hist.number_reflns_R_free             ? 
_refine_hist.number_reflns_R_work             ? 
_refine_hist.R_factor_all                     ? 
_refine_hist.R_factor_obs                     ? 
_refine_hist.R_factor_R_free                  ? 
_refine_hist.R_factor_R_work                  ? 
_refine_hist.pdbx_number_residues_total       ? 
_refine_hist.pdbx_B_iso_mean_ligand           ? 
_refine_hist.pdbx_B_iso_mean_solvent          ? 
_refine_hist.pdbx_number_atoms_protein        0 
_refine_hist.pdbx_number_atoms_nucleic_acid   334 
_refine_hist.pdbx_number_atoms_ligand         1 
_refine_hist.pdbx_number_atoms_lipid          ? 
_refine_hist.pdbx_number_atoms_carb           ? 
_refine_hist.pdbx_pseudo_atom_details         ? 
# 
loop_
_refine_ls_restr.pdbx_refine_id 
_refine_ls_restr.criterion 
_refine_ls_restr.dev_ideal 
_refine_ls_restr.dev_ideal_target 
_refine_ls_restr.number 
_refine_ls_restr.rejects 
_refine_ls_restr.type 
_refine_ls_restr.weight 
_refine_ls_restr.pdbx_Zscore 
_refine_ls_restr.pdbx_restraint_function 
'X-RAY DIFFRACTION' ? 0.012 0.011  373 ? r_bond_refined_d               ? ? ? 
'X-RAY DIFFRACTION' ? 0.002 0.019  155 ? r_bond_other_d                 ? ? ? 
'X-RAY DIFFRACTION' ? 2.079 1.968  578 ? r_angle_refined_deg            ? ? ? 
'X-RAY DIFFRACTION' ? 0.768 1.820  380 ? r_angle_other_deg              ? ? ? 
'X-RAY DIFFRACTION' ? 0.050 5.000  9   ? r_dihedral_angle_other_2_deg   ? ? ? 
'X-RAY DIFFRACTION' ? 0.076 0.200  78  ? r_chiral_restr                 ? ? ? 
'X-RAY DIFFRACTION' ? 0.029 0.020  180 ? r_gen_planes_refined           ? ? ? 
'X-RAY DIFFRACTION' ? 0.001 0.020  58  ? r_gen_planes_other             ? ? ? 
'X-RAY DIFFRACTION' ? 0.086 0.200  31  ? r_nbd_refined                  ? ? ? 
'X-RAY DIFFRACTION' ? 0.205 0.200  155 ? r_symmetry_nbd_other           ? ? ? 
'X-RAY DIFFRACTION' ? 0.239 0.200  142 ? r_nbtor_refined                ? ? ? 
'X-RAY DIFFRACTION' ? 0.075 0.200  95  ? r_symmetry_nbtor_other         ? ? ? 
'X-RAY DIFFRACTION' ? 0.294 0.200  75  ? r_xyhbond_nbd_refined          ? ? ? 
'X-RAY DIFFRACTION' ? 0.199 0.200  6   ? r_metal_ion_refined            ? ? ? 
'X-RAY DIFFRACTION' ? 0.097 0.200  11  ? r_symmetry_nbd_refined         ? ? ? 
'X-RAY DIFFRACTION' ? 0.147 0.200  73  ? r_nbd_other                    ? ? ? 
'X-RAY DIFFRACTION' ? 0.185 0.200  39  ? r_symmetry_xyhbond_nbd_refined ? ? ? 
'X-RAY DIFFRACTION' ? 1.256 1.468  373 ? r_scbond_it                    ? ? ? 
'X-RAY DIFFRACTION' ? 1.254 1.467  374 ? r_scbond_other                 ? ? ? 
'X-RAY DIFFRACTION' ? 1.802 2.684  578 ? r_scangle_it                   ? ? ? 
'X-RAY DIFFRACTION' ? 1.801 2.683  579 ? r_scangle_other                ? ? ? 
'X-RAY DIFFRACTION' ? 4.617 22.046 550 ? r_lrange_it                    ? ? ? 
'X-RAY DIFFRACTION' ? 4.035 20.561 502 ? r_lrange_other                 ? ? ? 
# 
loop_
_refine_ls_shell.pdbx_refine_id 
_refine_ls_shell.d_res_high 
_refine_ls_shell.d_res_low 
_refine_ls_shell.number_reflns_all 
_refine_ls_shell.number_reflns_obs 
_refine_ls_shell.number_reflns_R_free 
_refine_ls_shell.number_reflns_R_work 
_refine_ls_shell.percent_reflns_obs 
_refine_ls_shell.percent_reflns_R_free 
_refine_ls_shell.R_factor_all 
_refine_ls_shell.R_factor_obs 
_refine_ls_shell.R_factor_R_free_error 
_refine_ls_shell.R_factor_R_work 
_refine_ls_shell.redundancy_reflns_all 
_refine_ls_shell.redundancy_reflns_obs 
_refine_ls_shell.wR_factor_all 
_refine_ls_shell.wR_factor_obs 
_refine_ls_shell.wR_factor_R_free 
_refine_ls_shell.wR_factor_R_work 
_refine_ls_shell.pdbx_R_complete 
_refine_ls_shell.correlation_coeff_Fo_to_Fc 
_refine_ls_shell.correlation_coeff_Fo_to_Fc_free 
_refine_ls_shell.correlation_coeff_I_to_Fcsqd_work 
_refine_ls_shell.correlation_coeff_I_to_Fcsqd_free 
_refine_ls_shell.pdbx_total_number_of_bins_used 
_refine_ls_shell.pdbx_phase_error 
_refine_ls_shell.pdbx_fsc_work 
_refine_ls_shell.pdbx_fsc_free 
_refine_ls_shell.R_factor_R_free 
'X-RAY DIFFRACTION' 1.243 1.275  848 . 85 763 100.0000 . 0.310 . . 0.313 . . . . . 0.293 . . . . . 20 . 0.931 0.937 0.292 
'X-RAY DIFFRACTION' 1.275 1.310  819 . 82 737 100.0000 . 0.305 . . 0.298 . . . . . 0.276 . . . . . 20 . 0.935 0.892 0.371 
'X-RAY DIFFRACTION' 1.310 1.348  797 . 79 717 99.8745  . 0.287 . . 0.284 . . . . . 0.258 . . . . . 20 . 0.941 0.932 0.310 
'X-RAY DIFFRACTION' 1.348 1.390  802 . 80 722 100.0000 . 0.263 . . 0.263 . . . . . 0.234 . . . . . 20 . 0.950 0.945 0.270 
'X-RAY DIFFRACTION' 1.390 1.435  756 . 76 680 100.0000 . 0.234 . . 0.234 . . . . . 0.204 . . . . . 20 . 0.960 0.960 0.228 
'X-RAY DIFFRACTION' 1.435 1.485  731 . 73 658 100.0000 . 0.224 . . 0.216 . . . . . 0.190 . . . . . 20 . 0.966 0.937 0.294 
'X-RAY DIFFRACTION' 1.485 1.541  720 . 72 648 100.0000 . 0.192 . . 0.191 . . . . . 0.163 . . . . . 20 . 0.973 0.972 0.201 
'X-RAY DIFFRACTION' 1.541 1.604  692 . 69 623 100.0000 . 0.176 . . 0.171 . . . . . 0.153 . . . . . 20 . 0.981 0.967 0.225 
'X-RAY DIFFRACTION' 1.604 1.675  654 . 66 587 99.8471  . 0.173 . . 0.168 . . . . . 0.147 . . . . . 20 . 0.981 0.969 0.216 
'X-RAY DIFFRACTION' 1.675 1.757  635 . 63 572 100.0000 . 0.165 . . 0.161 . . . . . 0.154 . . . . . 20 . 0.984 0.976 0.198 
'X-RAY DIFFRACTION' 1.757 1.852  614 . 62 552 100.0000 . 0.180 . . 0.176 . . . . . 0.168 . . . . . 20 . 0.981 0.970 0.220 
'X-RAY DIFFRACTION' 1.852 1.964  567 . 56 511 100.0000 . 0.198 . . 0.194 . . . . . 0.185 . . . . . 20 . 0.975 0.969 0.226 
'X-RAY DIFFRACTION' 1.964 2.099  543 . 55 488 100.0000 . 0.184 . . 0.180 . . . . . 0.179 . . . . . 20 . 0.978 0.973 0.219 
'X-RAY DIFFRACTION' 2.099 2.266  509 . 51 458 100.0000 . 0.187 . . 0.182 . . . . . 0.190 . . . . . 20 . 0.978 0.975 0.232 
'X-RAY DIFFRACTION' 2.266 2.481  464 . 46 418 100.0000 . 0.199 . . 0.193 . . . . . 0.208 . . . . . 20 . 0.978 0.959 0.254 
'X-RAY DIFFRACTION' 2.481 2.772  429 . 43 386 100.0000 . 0.196 . . 0.189 . . . . . 0.217 . . . . . 20 . 0.979 0.960 0.266 
'X-RAY DIFFRACTION' 2.772 3.198  387 . 39 347 99.7416  . 0.179 . . 0.175 . . . . . 0.219 . . . . . 20 . 0.984 0.967 0.221 
'X-RAY DIFFRACTION' 3.198 3.908  325 . 32 293 100.0000 . 0.146 . . 0.144 . . . . . 0.194 . . . . . 20 . 0.989 0.987 0.170 
'X-RAY DIFFRACTION' 3.908 5.491  268 . 27 241 100.0000 . 0.143 . . 0.137 . . . . . 0.191 . . . . . 20 . 0.990 0.982 0.212 
'X-RAY DIFFRACTION' 5.491 34.077 167 . 17 149 99.4012  . 0.214 . . 0.215 . . . . . 0.321 . . . . . 20 . 0.968 0.969 0.212 
# 
_struct.entry_id                     9OL1 
_struct.title                        '16mer self-complementary duplex RNA with dI:s(2)C pair sequence 2' 
_struct.pdbx_model_details           ? 
_struct.pdbx_formula_weight          ? 
_struct.pdbx_formula_weight_method   ? 
_struct.pdbx_model_type_details      ? 
_struct.pdbx_CASP_flag               N 
# 
_struct_keywords.entry_id        9OL1 
_struct_keywords.text            'Deoxyribo-purine, 2-thiocytidine, deoxyinosine, RNA duplex, Origin of Life, RNA' 
_struct_keywords.pdbx_keywords   RNA 
# 
loop_
_struct_asym.id 
_struct_asym.pdbx_blank_PDB_chainid_flag 
_struct_asym.pdbx_modified 
_struct_asym.entity_id 
_struct_asym.details 
A N N 1 ? 
B N N 2 ? 
C N N 3 ? 
# 
_struct_ref.id                         1 
_struct_ref.db_name                    PDB 
_struct_ref.db_code                    9OL1 
_struct_ref.pdbx_db_accession          9OL1 
_struct_ref.pdbx_db_isoform            ? 
_struct_ref.entity_id                  1 
_struct_ref.pdbx_seq_one_letter_code   ? 
_struct_ref.pdbx_align_begin           1 
# 
_struct_ref_seq.align_id                      1 
_struct_ref_seq.ref_id                        1 
_struct_ref_seq.pdbx_PDB_id_code              9OL1 
_struct_ref_seq.pdbx_strand_id                A 
_struct_ref_seq.seq_align_beg                 1 
_struct_ref_seq.pdbx_seq_align_beg_ins_code   ? 
_struct_ref_seq.seq_align_end                 16 
_struct_ref_seq.pdbx_seq_align_end_ins_code   ? 
_struct_ref_seq.pdbx_db_accession             9OL1 
_struct_ref_seq.db_align_beg                  1 
_struct_ref_seq.pdbx_db_align_beg_ins_code    ? 
_struct_ref_seq.db_align_end                  16 
_struct_ref_seq.pdbx_db_align_end_ins_code    ? 
_struct_ref_seq.pdbx_auth_seq_align_beg       1 
_struct_ref_seq.pdbx_auth_seq_align_end       16 
# 
_pdbx_struct_assembly.id                   1 
_pdbx_struct_assembly.details              author_and_software_defined_assembly 
_pdbx_struct_assembly.method_details       PISA 
_pdbx_struct_assembly.oligomeric_details   dimeric 
_pdbx_struct_assembly.oligomeric_count     2 
# 
loop_
_pdbx_struct_assembly_prop.biol_id 
_pdbx_struct_assembly_prop.type 
_pdbx_struct_assembly_prop.value 
_pdbx_struct_assembly_prop.details 
1 'ABSA (A^2)' 1550 ? 
1 MORE         -17  ? 
1 'SSA (A^2)'  5910 ? 
# 
_pdbx_struct_assembly_gen.assembly_id       1 
_pdbx_struct_assembly_gen.oper_expression   1,2 
_pdbx_struct_assembly_gen.asym_id_list      A,B,C 
# 
_pdbx_struct_assembly_auth_evidence.id                     1 
_pdbx_struct_assembly_auth_evidence.assembly_id            1 
_pdbx_struct_assembly_auth_evidence.experimental_support   none 
_pdbx_struct_assembly_auth_evidence.details                ? 
# 
loop_
_pdbx_struct_oper_list.id 
_pdbx_struct_oper_list.type 
_pdbx_struct_oper_list.name 
_pdbx_struct_oper_list.symmetry_operation 
_pdbx_struct_oper_list.matrix[1][1] 
_pdbx_struct_oper_list.matrix[1][2] 
_pdbx_struct_oper_list.matrix[1][3] 
_pdbx_struct_oper_list.vector[1] 
_pdbx_struct_oper_list.matrix[2][1] 
_pdbx_struct_oper_list.matrix[2][2] 
_pdbx_struct_oper_list.matrix[2][3] 
_pdbx_struct_oper_list.vector[2] 
_pdbx_struct_oper_list.matrix[3][1] 
_pdbx_struct_oper_list.matrix[3][2] 
_pdbx_struct_oper_list.matrix[3][3] 
_pdbx_struct_oper_list.vector[3] 
1 'identity operation'         1_555  x,y,z                 1.0000000000  0.0000000000 0.0000000000  0.0000000000 0.0000000000 1.0000000000  0.0000000000  0.0000000000  0.0000000000  0.0000000000  1.0000000000 0.0000000000  
2 'crystal symmetry operation' 17_554 x-y+1/3,-y+2/3,-z-1/3 -0.5763871889 0.4491762757 -0.6826554635 0.9570345313 0.4491762757 -0.5237175993 -0.7238511930 -3.6369663131 -0.6826554635 -0.7238511930 0.1001047882 -1.7991900175 
# 
loop_
_struct_conn.id 
_struct_conn.conn_type_id 
_struct_conn.pdbx_leaving_atom_flag 
_struct_conn.pdbx_PDB_id 
_struct_conn.ptnr1_label_asym_id 
_struct_conn.ptnr1_label_comp_id 
_struct_conn.ptnr1_label_seq_id 
_struct_conn.ptnr1_label_atom_id 
_struct_conn.pdbx_ptnr1_label_alt_id 
_struct_conn.pdbx_ptnr1_PDB_ins_code 
_struct_conn.pdbx_ptnr1_standard_comp_id 
_struct_conn.ptnr1_symmetry 
_struct_conn.ptnr2_label_asym_id 
_struct_conn.ptnr2_label_comp_id 
_struct_conn.ptnr2_label_seq_id 
_struct_conn.ptnr2_label_atom_id 
_struct_conn.pdbx_ptnr2_label_alt_id 
_struct_conn.pdbx_ptnr2_PDB_ins_code 
_struct_conn.ptnr1_auth_asym_id 
_struct_conn.ptnr1_auth_comp_id 
_struct_conn.ptnr1_auth_seq_id 
_struct_conn.ptnr2_auth_asym_id 
_struct_conn.ptnr2_auth_comp_id 
_struct_conn.ptnr2_auth_seq_id 
_struct_conn.ptnr2_symmetry 
_struct_conn.pdbx_ptnr3_label_atom_id 
_struct_conn.pdbx_ptnr3_label_seq_id 
_struct_conn.pdbx_ptnr3_label_comp_id 
_struct_conn.pdbx_ptnr3_label_asym_id 
_struct_conn.pdbx_ptnr3_label_alt_id 
_struct_conn.pdbx_ptnr3_PDB_ins_code 
_struct_conn.details 
_struct_conn.pdbx_dist_value 
_struct_conn.pdbx_value_order 
_struct_conn.pdbx_role 
covale1  covale both ? A U   9  "O3'" ? ? ? 1_555 A RSP 10 P  ? ? A U   9   A RSP 10  1_555  ? ? ? ? ? ? ?            1.595 ? ? 
covale2  covale both ? A RSP 10 "O3'" ? ? ? 1_555 A U   11 P  ? ? A RSP 10  A U   11  1_555  ? ? ? ? ? ? ?            1.596 ? ? 
metalc1  metalc ?    ? A U   16 OP1   ? ? ? 1_555 B CA  .  CA ? ? A U   16  A CA  101 1_555  ? ? ? ? ? ? ?            2.071 ? ? 
metalc2  metalc ?    ? B CA  .  CA    ? ? ? 1_555 C HOH .  O  ? ? A CA  101 A HOH 208 1_555  ? ? ? ? ? ? ?            2.426 ? ? 
metalc3  metalc ?    ? B CA  .  CA    ? ? ? 1_555 C HOH .  O  ? ? A CA  101 A HOH 215 9_455  ? ? ? ? ? ? ?            2.228 ? ? 
metalc4  metalc ?    ? B CA  .  CA    ? ? ? 1_555 C HOH .  O  ? ? A CA  101 A HOH 244 5_565  ? ? ? ? ? ? ?            2.221 ? ? 
metalc5  metalc ?    ? B CA  .  CA    ? ? ? 1_555 C HOH .  O  ? ? A CA  101 A HOH 259 1_555  ? ? ? ? ? ? ?            2.356 ? ? 
metalc6  metalc ?    ? B CA  .  CA    ? ? ? 1_555 C HOH .  O  ? ? A CA  101 A HOH 265 9_455  ? ? ? ? ? ? ?            2.412 ? ? 
metalc7  metalc ?    ? B CA  .  CA    ? ? ? 1_555 C HOH .  O  ? ? A CA  101 A HOH 267 1_555  ? ? ? ? ? ? ?            2.230 ? ? 
hydrog1  hydrog ?    ? A A   1  N1    ? ? ? 1_555 A U   16 N3 ? ? A A   1   A U   16  17_554 ? ? ? ? ? ? WATSON-CRICK ?     ? ? 
hydrog2  hydrog ?    ? A A   1  N6    ? ? ? 1_555 A U   16 O4 ? ? A A   1   A U   16  17_554 ? ? ? ? ? ? WATSON-CRICK ?     ? ? 
hydrog3  hydrog ?    ? A G   2  N1    ? ? ? 1_555 A C   15 N3 ? ? A G   2   A C   15  17_554 ? ? ? ? ? ? WATSON-CRICK ?     ? ? 
hydrog4  hydrog ?    ? A G   2  N2    ? ? ? 1_555 A C   15 O2 ? ? A G   2   A C   15  17_554 ? ? ? ? ? ? WATSON-CRICK ?     ? ? 
hydrog5  hydrog ?    ? A G   2  O6    ? ? ? 1_555 A C   15 N4 ? ? A G   2   A C   15  17_554 ? ? ? ? ? ? WATSON-CRICK ?     ? ? 
hydrog6  hydrog ?    ? A A   3  N1    ? ? ? 1_555 A U   14 N3 ? ? A A   3   A U   14  17_554 ? ? ? ? ? ? WATSON-CRICK ?     ? ? 
hydrog7  hydrog ?    ? A A   3  N6    ? ? ? 1_555 A U   14 O4 ? ? A A   3   A U   14  17_554 ? ? ? ? ? ? WATSON-CRICK ?     ? ? 
hydrog8  hydrog ?    ? A G   4  N1    ? ? ? 1_555 A C   13 N3 ? ? A G   4   A C   13  17_554 ? ? ? ? ? ? WATSON-CRICK ?     ? ? 
hydrog9  hydrog ?    ? A G   4  N2    ? ? ? 1_555 A C   13 O2 ? ? A G   4   A C   13  17_554 ? ? ? ? ? ? WATSON-CRICK ?     ? ? 
hydrog10 hydrog ?    ? A G   4  O6    ? ? ? 1_555 A C   13 N4 ? ? A G   4   A C   13  17_554 ? ? ? ? ? ? WATSON-CRICK ?     ? ? 
hydrog11 hydrog ?    ? A A   5  N1    ? ? ? 1_555 A U   12 N3 ? ? A A   5   A U   12  17_554 ? ? ? ? ? ? WATSON-CRICK ?     ? ? 
hydrog12 hydrog ?    ? A A   5  N6    ? ? ? 1_555 A U   12 O4 ? ? A A   5   A U   12  17_554 ? ? ? ? ? ? WATSON-CRICK ?     ? ? 
hydrog13 hydrog ?    ? A A   6  N1    ? ? ? 1_555 A U   11 N3 ? ? A A   6   A U   11  17_554 ? ? ? ? ? ? WATSON-CRICK ?     ? ? 
hydrog14 hydrog ?    ? A A   6  N6    ? ? ? 1_555 A U   11 O4 ? ? A A   6   A U   11  17_554 ? ? ? ? ? ? WATSON-CRICK ?     ? ? 
hydrog15 hydrog ?    ? A DI  7  N1    ? ? ? 1_555 A RSP 10 N3 ? ? A DI  7   A RSP 10  17_554 ? ? ? ? ? ? TYPE_29_PAIR ?     ? ? 
hydrog16 hydrog ?    ? A DI  7  O6    ? ? ? 1_555 A RSP 10 N4 ? ? A DI  7   A RSP 10  17_554 ? ? ? ? ? ? TYPE_29_PAIR ?     ? ? 
hydrog17 hydrog ?    ? A A   8  N1    ? ? ? 1_555 A U   9  N3 ? ? A A   8   A U   9   17_554 ? ? ? ? ? ? WATSON-CRICK ?     ? ? 
hydrog18 hydrog ?    ? A A   8  N6    ? ? ? 1_555 A U   9  O4 ? ? A A   8   A U   9   17_554 ? ? ? ? ? ? WATSON-CRICK ?     ? ? 
hydrog19 hydrog ?    ? A U   9  N3    ? ? ? 1_555 A A   8  N1 ? ? A U   9   A A   8   17_554 ? ? ? ? ? ? WATSON-CRICK ?     ? ? 
hydrog20 hydrog ?    ? A U   9  O4    ? ? ? 1_555 A A   8  N6 ? ? A U   9   A A   8   17_554 ? ? ? ? ? ? WATSON-CRICK ?     ? ? 
hydrog21 hydrog ?    ? A RSP 10 N3    ? ? ? 1_555 A DI  7  N1 ? ? A RSP 10  A DI  7   17_554 ? ? ? ? ? ? TYPE_29_PAIR ?     ? ? 
hydrog22 hydrog ?    ? A RSP 10 N4    ? ? ? 1_555 A DI  7  O6 ? ? A RSP 10  A DI  7   17_554 ? ? ? ? ? ? TYPE_29_PAIR ?     ? ? 
hydrog23 hydrog ?    ? A U   11 N3    ? ? ? 1_555 A A   6  N1 ? ? A U   11  A A   6   17_554 ? ? ? ? ? ? WATSON-CRICK ?     ? ? 
hydrog24 hydrog ?    ? A U   11 O4    ? ? ? 1_555 A A   6  N6 ? ? A U   11  A A   6   17_554 ? ? ? ? ? ? WATSON-CRICK ?     ? ? 
hydrog25 hydrog ?    ? A U   12 N3    ? ? ? 1_555 A A   5  N1 ? ? A U   12  A A   5   17_554 ? ? ? ? ? ? WATSON-CRICK ?     ? ? 
hydrog26 hydrog ?    ? A U   12 O4    ? ? ? 1_555 A A   5  N6 ? ? A U   12  A A   5   17_554 ? ? ? ? ? ? WATSON-CRICK ?     ? ? 
hydrog27 hydrog ?    ? A C   13 N3    ? ? ? 1_555 A G   4  N1 ? ? A C   13  A G   4   17_554 ? ? ? ? ? ? WATSON-CRICK ?     ? ? 
hydrog28 hydrog ?    ? A C   13 N4    ? ? ? 1_555 A G   4  O6 ? ? A C   13  A G   4   17_554 ? ? ? ? ? ? WATSON-CRICK ?     ? ? 
hydrog29 hydrog ?    ? A C   13 O2    ? ? ? 1_555 A G   4  N2 ? ? A C   13  A G   4   17_554 ? ? ? ? ? ? WATSON-CRICK ?     ? ? 
hydrog30 hydrog ?    ? A U   14 N3    ? ? ? 1_555 A A   3  N1 ? ? A U   14  A A   3   17_554 ? ? ? ? ? ? WATSON-CRICK ?     ? ? 
hydrog31 hydrog ?    ? A U   14 O4    ? ? ? 1_555 A A   3  N6 ? ? A U   14  A A   3   17_554 ? ? ? ? ? ? WATSON-CRICK ?     ? ? 
hydrog32 hydrog ?    ? A C   15 N3    ? ? ? 1_555 A G   2  N1 ? ? A C   15  A G   2   17_554 ? ? ? ? ? ? WATSON-CRICK ?     ? ? 
hydrog33 hydrog ?    ? A C   15 N4    ? ? ? 1_555 A G   2  O6 ? ? A C   15  A G   2   17_554 ? ? ? ? ? ? WATSON-CRICK ?     ? ? 
hydrog34 hydrog ?    ? A C   15 O2    ? ? ? 1_555 A G   2  N2 ? ? A C   15  A G   2   17_554 ? ? ? ? ? ? WATSON-CRICK ?     ? ? 
hydrog35 hydrog ?    ? A U   16 N3    ? ? ? 1_555 A A   1  N1 ? ? A U   16  A A   1   17_554 ? ? ? ? ? ? WATSON-CRICK ?     ? ? 
hydrog36 hydrog ?    ? A U   16 O4    ? ? ? 1_555 A A   1  N6 ? ? A U   16  A A   1   17_554 ? ? ? ? ? ? WATSON-CRICK ?     ? ? 
# 
loop_
_struct_conn_type.id 
_struct_conn_type.criteria 
_struct_conn_type.reference 
covale ? ? 
metalc ? ? 
hydrog ? ? 
# 
loop_
_pdbx_struct_conn_angle.id 
_pdbx_struct_conn_angle.ptnr1_label_atom_id 
_pdbx_struct_conn_angle.ptnr1_label_alt_id 
_pdbx_struct_conn_angle.ptnr1_label_asym_id 
_pdbx_struct_conn_angle.ptnr1_label_comp_id 
_pdbx_struct_conn_angle.ptnr1_label_seq_id 
_pdbx_struct_conn_angle.ptnr1_auth_atom_id 
_pdbx_struct_conn_angle.ptnr1_auth_asym_id 
_pdbx_struct_conn_angle.ptnr1_auth_comp_id 
_pdbx_struct_conn_angle.ptnr1_auth_seq_id 
_pdbx_struct_conn_angle.ptnr1_PDB_ins_code 
_pdbx_struct_conn_angle.ptnr1_symmetry 
_pdbx_struct_conn_angle.ptnr2_label_atom_id 
_pdbx_struct_conn_angle.ptnr2_label_alt_id 
_pdbx_struct_conn_angle.ptnr2_label_asym_id 
_pdbx_struct_conn_angle.ptnr2_label_comp_id 
_pdbx_struct_conn_angle.ptnr2_label_seq_id 
_pdbx_struct_conn_angle.ptnr2_auth_atom_id 
_pdbx_struct_conn_angle.ptnr2_auth_asym_id 
_pdbx_struct_conn_angle.ptnr2_auth_comp_id 
_pdbx_struct_conn_angle.ptnr2_auth_seq_id 
_pdbx_struct_conn_angle.ptnr2_PDB_ins_code 
_pdbx_struct_conn_angle.ptnr2_symmetry 
_pdbx_struct_conn_angle.ptnr3_label_atom_id 
_pdbx_struct_conn_angle.ptnr3_label_alt_id 
_pdbx_struct_conn_angle.ptnr3_label_asym_id 
_pdbx_struct_conn_angle.ptnr3_label_comp_id 
_pdbx_struct_conn_angle.ptnr3_label_seq_id 
_pdbx_struct_conn_angle.ptnr3_auth_atom_id 
_pdbx_struct_conn_angle.ptnr3_auth_asym_id 
_pdbx_struct_conn_angle.ptnr3_auth_comp_id 
_pdbx_struct_conn_angle.ptnr3_auth_seq_id 
_pdbx_struct_conn_angle.ptnr3_PDB_ins_code 
_pdbx_struct_conn_angle.ptnr3_symmetry 
_pdbx_struct_conn_angle.value 
_pdbx_struct_conn_angle.value_esd 
1  OP1 ? A U   16 ? A U   16  ? 1_555 CA ? B CA . ? A CA 101 ? 1_555 O ? C HOH . ? A HOH 208 ? 1_555 69.5  ? 
2  OP1 ? A U   16 ? A U   16  ? 1_555 CA ? B CA . ? A CA 101 ? 1_555 O ? C HOH . ? A HOH 215 ? 9_455 171.6 ? 
3  O   ? C HOH .  ? A HOH 208 ? 1_555 CA ? B CA . ? A CA 101 ? 1_555 O ? C HOH . ? A HOH 215 ? 9_455 112.9 ? 
4  OP1 ? A U   16 ? A U   16  ? 1_555 CA ? B CA . ? A CA 101 ? 1_555 O ? C HOH . ? A HOH 244 ? 5_565 120.5 ? 
5  O   ? C HOH .  ? A HOH 208 ? 1_555 CA ? B CA . ? A CA 101 ? 1_555 O ? C HOH . ? A HOH 244 ? 5_565 53.2  ? 
6  O   ? C HOH .  ? A HOH 215 ? 9_455 CA ? B CA . ? A CA 101 ? 1_555 O ? C HOH . ? A HOH 244 ? 5_565 64.3  ? 
7  OP1 ? A U   16 ? A U   16  ? 1_555 CA ? B CA . ? A CA 101 ? 1_555 O ? C HOH . ? A HOH 259 ? 1_555 83.3  ? 
8  O   ? C HOH .  ? A HOH 208 ? 1_555 CA ? B CA . ? A CA 101 ? 1_555 O ? C HOH . ? A HOH 259 ? 1_555 65.7  ? 
9  O   ? C HOH .  ? A HOH 215 ? 9_455 CA ? B CA . ? A CA 101 ? 1_555 O ? C HOH . ? A HOH 259 ? 1_555 90.4  ? 
10 O   ? C HOH .  ? A HOH 244 ? 5_565 CA ? B CA . ? A CA 101 ? 1_555 O ? C HOH . ? A HOH 259 ? 1_555 86.5  ? 
11 OP1 ? A U   16 ? A U   16  ? 1_555 CA ? B CA . ? A CA 101 ? 1_555 O ? C HOH . ? A HOH 265 ? 9_455 95.9  ? 
12 O   ? C HOH .  ? A HOH 208 ? 1_555 CA ? B CA . ? A CA 101 ? 1_555 O ? C HOH . ? A HOH 265 ? 9_455 161.9 ? 
13 O   ? C HOH .  ? A HOH 215 ? 9_455 CA ? B CA . ? A CA 101 ? 1_555 O ? C HOH . ? A HOH 265 ? 9_455 83.1  ? 
14 O   ? C HOH .  ? A HOH 244 ? 5_565 CA ? B CA . ? A CA 101 ? 1_555 O ? C HOH . ? A HOH 265 ? 9_455 135.6 ? 
15 O   ? C HOH .  ? A HOH 259 ? 1_555 CA ? B CA . ? A CA 101 ? 1_555 O ? C HOH . ? A HOH 265 ? 9_455 124.9 ? 
16 OP1 ? A U   16 ? A U   16  ? 1_555 CA ? B CA . ? A CA 101 ? 1_555 O ? C HOH . ? A HOH 267 ? 1_555 94.2  ? 
17 O   ? C HOH .  ? A HOH 208 ? 1_555 CA ? B CA . ? A CA 101 ? 1_555 O ? C HOH . ? A HOH 267 ? 1_555 98.4  ? 
18 O   ? C HOH .  ? A HOH 215 ? 9_455 CA ? B CA . ? A CA 101 ? 1_555 O ? C HOH . ? A HOH 267 ? 1_555 93.4  ? 
19 O   ? C HOH .  ? A HOH 244 ? 5_565 CA ? B CA . ? A CA 101 ? 1_555 O ? C HOH . ? A HOH 267 ? 1_555 81.0  ? 
20 O   ? C HOH .  ? A HOH 259 ? 1_555 CA ? B CA . ? A CA 101 ? 1_555 O ? C HOH . ? A HOH 267 ? 1_555 163.7 ? 
21 O   ? C HOH .  ? A HOH 265 ? 9_455 CA ? B CA . ? A CA 101 ? 1_555 O ? C HOH . ? A HOH 267 ? 1_555 71.3  ? 
# 
_pdbx_entry_details.entry_id                   9OL1 
_pdbx_entry_details.nonpolymer_details         ? 
_pdbx_entry_details.sequence_details           ? 
_pdbx_entry_details.compound_details           ? 
_pdbx_entry_details.source_details             ? 
_pdbx_entry_details.has_ligand_of_interest     Y 
_pdbx_entry_details.has_protein_modification   N 
# 
loop_
_pdbx_validate_close_contact.id 
_pdbx_validate_close_contact.PDB_model_num 
_pdbx_validate_close_contact.auth_atom_id_1 
_pdbx_validate_close_contact.auth_asym_id_1 
_pdbx_validate_close_contact.auth_comp_id_1 
_pdbx_validate_close_contact.auth_seq_id_1 
_pdbx_validate_close_contact.PDB_ins_code_1 
_pdbx_validate_close_contact.label_alt_id_1 
_pdbx_validate_close_contact.auth_atom_id_2 
_pdbx_validate_close_contact.auth_asym_id_2 
_pdbx_validate_close_contact.auth_comp_id_2 
_pdbx_validate_close_contact.auth_seq_id_2 
_pdbx_validate_close_contact.PDB_ins_code_2 
_pdbx_validate_close_contact.label_alt_id_2 
_pdbx_validate_close_contact.dist 
1 1 O A HOH 203 ? ? O A HOH 260 ? ? 1.98 
2 1 O A HOH 202 ? ? O A HOH 234 ? ? 2.03 
3 1 O A HOH 230 ? ? O A HOH 276 ? ? 2.04 
4 1 O A HOH 227 ? ? O A HOH 279 ? ? 2.06 
# 
loop_
_pdbx_validate_symm_contact.id 
_pdbx_validate_symm_contact.PDB_model_num 
_pdbx_validate_symm_contact.auth_atom_id_1 
_pdbx_validate_symm_contact.auth_asym_id_1 
_pdbx_validate_symm_contact.auth_comp_id_1 
_pdbx_validate_symm_contact.auth_seq_id_1 
_pdbx_validate_symm_contact.PDB_ins_code_1 
_pdbx_validate_symm_contact.label_alt_id_1 
_pdbx_validate_symm_contact.site_symmetry_1 
_pdbx_validate_symm_contact.auth_atom_id_2 
_pdbx_validate_symm_contact.auth_asym_id_2 
_pdbx_validate_symm_contact.auth_comp_id_2 
_pdbx_validate_symm_contact.auth_seq_id_2 
_pdbx_validate_symm_contact.PDB_ins_code_2 
_pdbx_validate_symm_contact.label_alt_id_2 
_pdbx_validate_symm_contact.site_symmetry_2 
_pdbx_validate_symm_contact.dist 
1 1 O A HOH 208 ? ? 1_555 O A HOH 212 ? ? 6_555 2.07 
2 1 O A HOH 208 ? ? 1_555 O A HOH 244 ? ? 5_565 2.09 
# 
_pdbx_validate_planes.id              1 
_pdbx_validate_planes.PDB_model_num   1 
_pdbx_validate_planes.auth_comp_id    C 
_pdbx_validate_planes.auth_asym_id    A 
_pdbx_validate_planes.auth_seq_id     15 
_pdbx_validate_planes.PDB_ins_code    ? 
_pdbx_validate_planes.label_alt_id    ? 
_pdbx_validate_planes.rmsd            0.061 
_pdbx_validate_planes.type            'SIDE CHAIN' 
# 
loop_
_pdbx_struct_special_symmetry.id 
_pdbx_struct_special_symmetry.PDB_model_num 
_pdbx_struct_special_symmetry.auth_asym_id 
_pdbx_struct_special_symmetry.auth_comp_id 
_pdbx_struct_special_symmetry.auth_seq_id 
_pdbx_struct_special_symmetry.PDB_ins_code 
_pdbx_struct_special_symmetry.label_asym_id 
_pdbx_struct_special_symmetry.label_comp_id 
_pdbx_struct_special_symmetry.label_seq_id 
1 1 A HOH 220 ? C HOH . 
2 1 A HOH 249 ? C HOH . 
3 1 A HOH 253 ? C HOH . 
4 1 A HOH 255 ? C HOH . 
5 1 A HOH 269 ? C HOH . 
# 
loop_
_chem_comp_atom.comp_id 
_chem_comp_atom.atom_id 
_chem_comp_atom.type_symbol 
_chem_comp_atom.pdbx_aromatic_flag 
_chem_comp_atom.pdbx_stereo_config 
_chem_comp_atom.pdbx_ordinal 
A   OP3    O  N N 1   
A   P      P  N N 2   
A   OP1    O  N N 3   
A   OP2    O  N N 4   
A   "O5'"  O  N N 5   
A   "C5'"  C  N N 6   
A   "C4'"  C  N R 7   
A   "O4'"  O  N N 8   
A   "C3'"  C  N S 9   
A   "O3'"  O  N N 10  
A   "C2'"  C  N R 11  
A   "O2'"  O  N N 12  
A   "C1'"  C  N R 13  
A   N9     N  Y N 14  
A   C8     C  Y N 15  
A   N7     N  Y N 16  
A   C5     C  Y N 17  
A   C6     C  Y N 18  
A   N6     N  N N 19  
A   N1     N  Y N 20  
A   C2     C  Y N 21  
A   N3     N  Y N 22  
A   C4     C  Y N 23  
A   HOP3   H  N N 24  
A   HOP2   H  N N 25  
A   "H5'"  H  N N 26  
A   "H5''" H  N N 27  
A   "H4'"  H  N N 28  
A   "H3'"  H  N N 29  
A   "HO3'" H  N N 30  
A   "H2'"  H  N N 31  
A   "HO2'" H  N N 32  
A   "H1'"  H  N N 33  
A   H8     H  N N 34  
A   H61    H  N N 35  
A   H62    H  N N 36  
A   H2     H  N N 37  
C   OP3    O  N N 38  
C   P      P  N N 39  
C   OP1    O  N N 40  
C   OP2    O  N N 41  
C   "O5'"  O  N N 42  
C   "C5'"  C  N N 43  
C   "C4'"  C  N R 44  
C   "O4'"  O  N N 45  
C   "C3'"  C  N S 46  
C   "O3'"  O  N N 47  
C   "C2'"  C  N R 48  
C   "O2'"  O  N N 49  
C   "C1'"  C  N R 50  
C   N1     N  N N 51  
C   C2     C  N N 52  
C   O2     O  N N 53  
C   N3     N  N N 54  
C   C4     C  N N 55  
C   N4     N  N N 56  
C   C5     C  N N 57  
C   C6     C  N N 58  
C   HOP3   H  N N 59  
C   HOP2   H  N N 60  
C   "H5'"  H  N N 61  
C   "H5''" H  N N 62  
C   "H4'"  H  N N 63  
C   "H3'"  H  N N 64  
C   "HO3'" H  N N 65  
C   "H2'"  H  N N 66  
C   "HO2'" H  N N 67  
C   "H1'"  H  N N 68  
C   H41    H  N N 69  
C   H42    H  N N 70  
C   H5     H  N N 71  
C   H6     H  N N 72  
CA  CA     CA N N 73  
DI  OP3    O  N N 74  
DI  P      P  N N 75  
DI  OP1    O  N N 76  
DI  OP2    O  N N 77  
DI  "O5'"  O  N N 78  
DI  "C5'"  C  N N 79  
DI  "C4'"  C  N R 80  
DI  "O4'"  O  N N 81  
DI  "C3'"  C  N S 82  
DI  "O3'"  O  N N 83  
DI  "C2'"  C  N N 84  
DI  "C1'"  C  N R 85  
DI  N9     N  Y N 86  
DI  C8     C  Y N 87  
DI  N7     N  Y N 88  
DI  C5     C  Y N 89  
DI  C6     C  N N 90  
DI  O6     O  N N 91  
DI  N1     N  N N 92  
DI  C2     C  N N 93  
DI  N3     N  N N 94  
DI  C4     C  Y N 95  
DI  HOP3   H  N N 96  
DI  HOP2   H  N N 97  
DI  "H5'"  H  N N 98  
DI  "H5''" H  N N 99  
DI  "H4'"  H  N N 100 
DI  "H3'"  H  N N 101 
DI  "HO3'" H  N N 102 
DI  "H2'"  H  N N 103 
DI  "H2''" H  N N 104 
DI  "H1'"  H  N N 105 
DI  H8     H  N N 106 
DI  H1     H  N N 107 
DI  H2     H  N N 108 
G   OP3    O  N N 109 
G   P      P  N N 110 
G   OP1    O  N N 111 
G   OP2    O  N N 112 
G   "O5'"  O  N N 113 
G   "C5'"  C  N N 114 
G   "C4'"  C  N R 115 
G   "O4'"  O  N N 116 
G   "C3'"  C  N S 117 
G   "O3'"  O  N N 118 
G   "C2'"  C  N R 119 
G   "O2'"  O  N N 120 
G   "C1'"  C  N R 121 
G   N9     N  Y N 122 
G   C8     C  Y N 123 
G   N7     N  Y N 124 
G   C5     C  Y N 125 
G   C6     C  N N 126 
G   O6     O  N N 127 
G   N1     N  N N 128 
G   C2     C  N N 129 
G   N2     N  N N 130 
G   N3     N  N N 131 
G   C4     C  Y N 132 
G   HOP3   H  N N 133 
G   HOP2   H  N N 134 
G   "H5'"  H  N N 135 
G   "H5''" H  N N 136 
G   "H4'"  H  N N 137 
G   "H3'"  H  N N 138 
G   "HO3'" H  N N 139 
G   "H2'"  H  N N 140 
G   "HO2'" H  N N 141 
G   "H1'"  H  N N 142 
G   H8     H  N N 143 
G   H1     H  N N 144 
G   H21    H  N N 145 
G   H22    H  N N 146 
HOH O      O  N N 147 
HOH H1     H  N N 148 
HOH H2     H  N N 149 
RSP P      P  N N 150 
RSP N1     N  N N 151 
RSP C2     C  N N 152 
RSP S2     S  N N 153 
RSP N3     N  N N 154 
RSP C4     C  N N 155 
RSP N4     N  N N 156 
RSP C5     C  N N 157 
RSP C6     C  N N 158 
RSP "C1'"  C  N R 159 
RSP "C2'"  C  N R 160 
RSP "O2'"  O  N N 161 
RSP "C3'"  C  N S 162 
RSP "O3'"  O  N N 163 
RSP "C4'"  C  N R 164 
RSP "O4'"  O  N N 165 
RSP "C5'"  C  N N 166 
RSP "O5'"  O  N N 167 
RSP OP1    O  N N 168 
RSP OP2    O  N N 169 
RSP OP3    O  N N 170 
RSP H5     H  N N 171 
RSP H6     H  N N 172 
RSP "H5'"  H  N N 173 
RSP "H1'"  H  N N 174 
RSP "H2'"  H  N N 175 
RSP "HO2'" H  N N 176 
RSP "H3'"  H  N N 177 
RSP "H4'"  H  N N 178 
RSP HN4    H  N N 179 
RSP HN4A   H  N N 180 
RSP "H5'A" H  N N 181 
RSP "HO3'" H  N N 182 
RSP HOP2   H  N N 183 
RSP HOP3   H  N N 184 
U   OP3    O  N N 185 
U   P      P  N N 186 
U   OP1    O  N N 187 
U   OP2    O  N N 188 
U   "O5'"  O  N N 189 
U   "C5'"  C  N N 190 
U   "C4'"  C  N R 191 
U   "O4'"  O  N N 192 
U   "C3'"  C  N S 193 
U   "O3'"  O  N N 194 
U   "C2'"  C  N R 195 
U   "O2'"  O  N N 196 
U   "C1'"  C  N R 197 
U   N1     N  N N 198 
U   C2     C  N N 199 
U   O2     O  N N 200 
U   N3     N  N N 201 
U   C4     C  N N 202 
U   O4     O  N N 203 
U   C5     C  N N 204 
U   C6     C  N N 205 
U   HOP3   H  N N 206 
U   HOP2   H  N N 207 
U   "H5'"  H  N N 208 
U   "H5''" H  N N 209 
U   "H4'"  H  N N 210 
U   "H3'"  H  N N 211 
U   "HO3'" H  N N 212 
U   "H2'"  H  N N 213 
U   "HO2'" H  N N 214 
U   "H1'"  H  N N 215 
U   H3     H  N N 216 
U   H5     H  N N 217 
U   H6     H  N N 218 
# 
loop_
_chem_comp_bond.comp_id 
_chem_comp_bond.atom_id_1 
_chem_comp_bond.atom_id_2 
_chem_comp_bond.value_order 
_chem_comp_bond.pdbx_aromatic_flag 
_chem_comp_bond.pdbx_stereo_config 
_chem_comp_bond.pdbx_ordinal 
A   OP3    P      sing N N 1   
A   OP3    HOP3   sing N N 2   
A   P      OP1    doub N N 3   
A   P      OP2    sing N N 4   
A   P      "O5'"  sing N N 5   
A   OP2    HOP2   sing N N 6   
A   "O5'"  "C5'"  sing N N 7   
A   "C5'"  "C4'"  sing N N 8   
A   "C5'"  "H5'"  sing N N 9   
A   "C5'"  "H5''" sing N N 10  
A   "C4'"  "O4'"  sing N N 11  
A   "C4'"  "C3'"  sing N N 12  
A   "C4'"  "H4'"  sing N N 13  
A   "O4'"  "C1'"  sing N N 14  
A   "C3'"  "O3'"  sing N N 15  
A   "C3'"  "C2'"  sing N N 16  
A   "C3'"  "H3'"  sing N N 17  
A   "O3'"  "HO3'" sing N N 18  
A   "C2'"  "O2'"  sing N N 19  
A   "C2'"  "C1'"  sing N N 20  
A   "C2'"  "H2'"  sing N N 21  
A   "O2'"  "HO2'" sing N N 22  
A   "C1'"  N9     sing N N 23  
A   "C1'"  "H1'"  sing N N 24  
A   N9     C8     sing Y N 25  
A   N9     C4     sing Y N 26  
A   C8     N7     doub Y N 27  
A   C8     H8     sing N N 28  
A   N7     C5     sing Y N 29  
A   C5     C6     sing Y N 30  
A   C5     C4     doub Y N 31  
A   C6     N6     sing N N 32  
A   C6     N1     doub Y N 33  
A   N6     H61    sing N N 34  
A   N6     H62    sing N N 35  
A   N1     C2     sing Y N 36  
A   C2     N3     doub Y N 37  
A   C2     H2     sing N N 38  
A   N3     C4     sing Y N 39  
C   OP3    P      sing N N 40  
C   OP3    HOP3   sing N N 41  
C   P      OP1    doub N N 42  
C   P      OP2    sing N N 43  
C   P      "O5'"  sing N N 44  
C   OP2    HOP2   sing N N 45  
C   "O5'"  "C5'"  sing N N 46  
C   "C5'"  "C4'"  sing N N 47  
C   "C5'"  "H5'"  sing N N 48  
C   "C5'"  "H5''" sing N N 49  
C   "C4'"  "O4'"  sing N N 50  
C   "C4'"  "C3'"  sing N N 51  
C   "C4'"  "H4'"  sing N N 52  
C   "O4'"  "C1'"  sing N N 53  
C   "C3'"  "O3'"  sing N N 54  
C   "C3'"  "C2'"  sing N N 55  
C   "C3'"  "H3'"  sing N N 56  
C   "O3'"  "HO3'" sing N N 57  
C   "C2'"  "O2'"  sing N N 58  
C   "C2'"  "C1'"  sing N N 59  
C   "C2'"  "H2'"  sing N N 60  
C   "O2'"  "HO2'" sing N N 61  
C   "C1'"  N1     sing N N 62  
C   "C1'"  "H1'"  sing N N 63  
C   N1     C2     sing N N 64  
C   N1     C6     sing N N 65  
C   C2     O2     doub N N 66  
C   C2     N3     sing N N 67  
C   N3     C4     doub N N 68  
C   C4     N4     sing N N 69  
C   C4     C5     sing N N 70  
C   N4     H41    sing N N 71  
C   N4     H42    sing N N 72  
C   C5     C6     doub N N 73  
C   C5     H5     sing N N 74  
C   C6     H6     sing N N 75  
DI  OP3    P      sing N N 76  
DI  OP3    HOP3   sing N N 77  
DI  P      OP1    doub N N 78  
DI  P      OP2    sing N N 79  
DI  P      "O5'"  sing N N 80  
DI  OP2    HOP2   sing N N 81  
DI  "O5'"  "C5'"  sing N N 82  
DI  "C5'"  "C4'"  sing N N 83  
DI  "C5'"  "H5'"  sing N N 84  
DI  "C5'"  "H5''" sing N N 85  
DI  "C4'"  "O4'"  sing N N 86  
DI  "C4'"  "C3'"  sing N N 87  
DI  "C4'"  "H4'"  sing N N 88  
DI  "O4'"  "C1'"  sing N N 89  
DI  "C3'"  "O3'"  sing N N 90  
DI  "C3'"  "C2'"  sing N N 91  
DI  "C3'"  "H3'"  sing N N 92  
DI  "O3'"  "HO3'" sing N N 93  
DI  "C2'"  "C1'"  sing N N 94  
DI  "C2'"  "H2'"  sing N N 95  
DI  "C2'"  "H2''" sing N N 96  
DI  "C1'"  N9     sing N N 97  
DI  "C1'"  "H1'"  sing N N 98  
DI  N9     C8     sing Y N 99  
DI  N9     C4     sing Y N 100 
DI  C8     N7     doub Y N 101 
DI  C8     H8     sing N N 102 
DI  N7     C5     sing Y N 103 
DI  C5     C6     sing N N 104 
DI  C5     C4     doub Y N 105 
DI  C6     O6     doub N N 106 
DI  C6     N1     sing N N 107 
DI  N1     C2     sing N N 108 
DI  N1     H1     sing N N 109 
DI  C2     N3     doub N N 110 
DI  C2     H2     sing N N 111 
DI  N3     C4     sing N N 112 
G   OP3    P      sing N N 113 
G   OP3    HOP3   sing N N 114 
G   P      OP1    doub N N 115 
G   P      OP2    sing N N 116 
G   P      "O5'"  sing N N 117 
G   OP2    HOP2   sing N N 118 
G   "O5'"  "C5'"  sing N N 119 
G   "C5'"  "C4'"  sing N N 120 
G   "C5'"  "H5'"  sing N N 121 
G   "C5'"  "H5''" sing N N 122 
G   "C4'"  "O4'"  sing N N 123 
G   "C4'"  "C3'"  sing N N 124 
G   "C4'"  "H4'"  sing N N 125 
G   "O4'"  "C1'"  sing N N 126 
G   "C3'"  "O3'"  sing N N 127 
G   "C3'"  "C2'"  sing N N 128 
G   "C3'"  "H3'"  sing N N 129 
G   "O3'"  "HO3'" sing N N 130 
G   "C2'"  "O2'"  sing N N 131 
G   "C2'"  "C1'"  sing N N 132 
G   "C2'"  "H2'"  sing N N 133 
G   "O2'"  "HO2'" sing N N 134 
G   "C1'"  N9     sing N N 135 
G   "C1'"  "H1'"  sing N N 136 
G   N9     C8     sing Y N 137 
G   N9     C4     sing Y N 138 
G   C8     N7     doub Y N 139 
G   C8     H8     sing N N 140 
G   N7     C5     sing Y N 141 
G   C5     C6     sing N N 142 
G   C5     C4     doub Y N 143 
G   C6     O6     doub N N 144 
G   C6     N1     sing N N 145 
G   N1     C2     sing N N 146 
G   N1     H1     sing N N 147 
G   C2     N2     sing N N 148 
G   C2     N3     doub N N 149 
G   N2     H21    sing N N 150 
G   N2     H22    sing N N 151 
G   N3     C4     sing N N 152 
HOH O      H1     sing N N 153 
HOH O      H2     sing N N 154 
RSP OP1    P      doub N N 155 
RSP OP3    P      sing N N 156 
RSP P      OP2    sing N N 157 
RSP P      "O5'"  sing N N 158 
RSP C6     N1     sing N N 159 
RSP N1     C2     sing N N 160 
RSP N1     "C1'"  sing N N 161 
RSP N3     C2     sing N N 162 
RSP C2     S2     doub N N 163 
RSP C4     N3     doub N N 164 
RSP N4     C4     sing N N 165 
RSP C5     C4     sing N N 166 
RSP HN4    N4     sing N N 167 
RSP N4     HN4A   sing N N 168 
RSP H5     C5     sing N N 169 
RSP C5     C6     doub N N 170 
RSP H6     C6     sing N N 171 
RSP "O4'"  "C1'"  sing N N 172 
RSP "C1'"  "H1'"  sing N N 173 
RSP "C1'"  "C2'"  sing N N 174 
RSP "C3'"  "C2'"  sing N N 175 
RSP "C2'"  "H2'"  sing N N 176 
RSP "C2'"  "O2'"  sing N N 177 
RSP "O2'"  "HO2'" sing N N 178 
RSP "C4'"  "C3'"  sing N N 179 
RSP "H3'"  "C3'"  sing N N 180 
RSP "C3'"  "O3'"  sing N N 181 
RSP "O3'"  "HO3'" sing N N 182 
RSP "C5'"  "C4'"  sing N N 183 
RSP "O4'"  "C4'"  sing N N 184 
RSP "C4'"  "H4'"  sing N N 185 
RSP "O5'"  "C5'"  sing N N 186 
RSP "H5'A" "C5'"  sing N N 187 
RSP "C5'"  "H5'"  sing N N 188 
RSP OP2    HOP2   sing N N 189 
RSP OP3    HOP3   sing N N 190 
U   OP3    P      sing N N 191 
U   OP3    HOP3   sing N N 192 
U   P      OP1    doub N N 193 
U   P      OP2    sing N N 194 
U   P      "O5'"  sing N N 195 
U   OP2    HOP2   sing N N 196 
U   "O5'"  "C5'"  sing N N 197 
U   "C5'"  "C4'"  sing N N 198 
U   "C5'"  "H5'"  sing N N 199 
U   "C5'"  "H5''" sing N N 200 
U   "C4'"  "O4'"  sing N N 201 
U   "C4'"  "C3'"  sing N N 202 
U   "C4'"  "H4'"  sing N N 203 
U   "O4'"  "C1'"  sing N N 204 
U   "C3'"  "O3'"  sing N N 205 
U   "C3'"  "C2'"  sing N N 206 
U   "C3'"  "H3'"  sing N N 207 
U   "O3'"  "HO3'" sing N N 208 
U   "C2'"  "O2'"  sing N N 209 
U   "C2'"  "C1'"  sing N N 210 
U   "C2'"  "H2'"  sing N N 211 
U   "O2'"  "HO2'" sing N N 212 
U   "C1'"  N1     sing N N 213 
U   "C1'"  "H1'"  sing N N 214 
U   N1     C2     sing N N 215 
U   N1     C6     sing N N 216 
U   C2     O2     doub N N 217 
U   C2     N3     sing N N 218 
U   N3     C4     sing N N 219 
U   N3     H3     sing N N 220 
U   C4     O4     doub N N 221 
U   C4     C5     sing N N 222 
U   C5     C6     doub N N 223 
U   C5     H5     sing N N 224 
U   C6     H6     sing N N 225 
# 
loop_
_ndb_struct_conf_na.entry_id 
_ndb_struct_conf_na.feature 
9OL1 'a-form double helix'  
9OL1 'mismatched base pair' 
# 
loop_
_ndb_struct_na_base_pair.model_number 
_ndb_struct_na_base_pair.i_label_asym_id 
_ndb_struct_na_base_pair.i_label_comp_id 
_ndb_struct_na_base_pair.i_label_seq_id 
_ndb_struct_na_base_pair.i_symmetry 
_ndb_struct_na_base_pair.j_label_asym_id 
_ndb_struct_na_base_pair.j_label_comp_id 
_ndb_struct_na_base_pair.j_label_seq_id 
_ndb_struct_na_base_pair.j_symmetry 
_ndb_struct_na_base_pair.shear 
_ndb_struct_na_base_pair.stretch 
_ndb_struct_na_base_pair.stagger 
_ndb_struct_na_base_pair.buckle 
_ndb_struct_na_base_pair.propeller 
_ndb_struct_na_base_pair.opening 
_ndb_struct_na_base_pair.pair_number 
_ndb_struct_na_base_pair.pair_name 
_ndb_struct_na_base_pair.i_auth_asym_id 
_ndb_struct_na_base_pair.i_auth_seq_id 
_ndb_struct_na_base_pair.i_PDB_ins_code 
_ndb_struct_na_base_pair.j_auth_asym_id 
_ndb_struct_na_base_pair.j_auth_seq_id 
_ndb_struct_na_base_pair.j_PDB_ins_code 
_ndb_struct_na_base_pair.hbond_type_28 
_ndb_struct_na_base_pair.hbond_type_12 
1 A A   1  1_555 A U   16 17_554 -0.047 -0.122 0.080  -0.299  -10.923 0.460  1  A_A1:U16_A    A 1  ? A 16 ? 20 1 
1 A G   2  1_555 A C   15 17_554 -0.269 -0.206 -0.155 -4.772  -17.017 -1.014 2  A_G2:C15_A    A 2  ? A 15 ? 19 1 
1 A A   3  1_555 A U   14 17_554 0.049  -0.099 0.038  -2.772  -14.361 3.543  3  A_A3:U14_A    A 3  ? A 14 ? 20 1 
1 A G   4  1_555 A C   13 17_554 -0.345 -0.178 -0.162 -1.933  -8.890  -1.295 4  A_G4:C13_A    A 4  ? A 13 ? 19 1 
1 A A   5  1_555 A U   12 17_554 0.052  -0.164 -0.072 -0.872  -8.837  1.426  5  A_A5:U12_A    A 5  ? A 12 ? 20 1 
1 A A   6  1_555 A U   11 17_554 -0.089 -0.083 -0.204 -12.456 -16.209 3.119  6  A_A6:U11_A    A 6  ? A 11 ? 20 1 
1 A DI  7  1_555 A RSP 10 17_554 -0.252 -0.147 0.059  -6.839  -6.726  0.657  7  A_DI7:RSP10_A A 7  ? A 10 ? 29 1 
1 A A   8  1_555 A U   9  17_554 -0.008 -0.136 0.011  0.012   -13.392 0.759  8  A_A8:U9_A     A 8  ? A 9  ? 20 1 
1 A U   9  1_555 A A   8  17_554 0.008  -0.136 0.011  -0.012  -13.392 0.759  9  A_U9:A8_A     A 9  ? A 8  ? 20 1 
1 A RSP 10 1_555 A DI  7  17_554 0.252  -0.147 0.059  6.839   -6.726  0.657  10 A_RSP10:DI7_A A 10 ? A 7  ? 29 1 
1 A U   11 1_555 A A   6  17_554 0.089  -0.083 -0.204 12.456  -16.209 3.119  11 A_U11:A6_A    A 11 ? A 6  ? 20 1 
1 A U   12 1_555 A A   5  17_554 -0.052 -0.164 -0.072 0.872   -8.837  1.426  12 A_U12:A5_A    A 12 ? A 5  ? 20 1 
1 A C   13 1_555 A G   4  17_554 0.345  -0.178 -0.162 1.933   -8.890  -1.295 13 A_C13:G4_A    A 13 ? A 4  ? 19 1 
1 A U   14 1_555 A A   3  17_554 -0.049 -0.099 0.038  2.772   -14.361 3.543  14 A_U14:A3_A    A 14 ? A 3  ? 20 1 
1 A C   15 1_555 A G   2  17_554 0.269  -0.206 -0.155 4.772   -17.017 -1.014 15 A_C15:G2_A    A 15 ? A 2  ? 19 1 
1 A U   16 1_555 A A   1  17_554 0.047  -0.122 0.080  0.299   -10.923 0.460  16 A_U16:A1_A    A 16 ? A 1  ? 20 1 
# 
loop_
_ndb_struct_na_base_pair_step.model_number 
_ndb_struct_na_base_pair_step.i_label_asym_id_1 
_ndb_struct_na_base_pair_step.i_label_comp_id_1 
_ndb_struct_na_base_pair_step.i_label_seq_id_1 
_ndb_struct_na_base_pair_step.i_symmetry_1 
_ndb_struct_na_base_pair_step.j_label_asym_id_1 
_ndb_struct_na_base_pair_step.j_label_comp_id_1 
_ndb_struct_na_base_pair_step.j_label_seq_id_1 
_ndb_struct_na_base_pair_step.j_symmetry_1 
_ndb_struct_na_base_pair_step.i_label_asym_id_2 
_ndb_struct_na_base_pair_step.i_label_comp_id_2 
_ndb_struct_na_base_pair_step.i_label_seq_id_2 
_ndb_struct_na_base_pair_step.i_symmetry_2 
_ndb_struct_na_base_pair_step.j_label_asym_id_2 
_ndb_struct_na_base_pair_step.j_label_comp_id_2 
_ndb_struct_na_base_pair_step.j_label_seq_id_2 
_ndb_struct_na_base_pair_step.j_symmetry_2 
_ndb_struct_na_base_pair_step.shift 
_ndb_struct_na_base_pair_step.slide 
_ndb_struct_na_base_pair_step.rise 
_ndb_struct_na_base_pair_step.tilt 
_ndb_struct_na_base_pair_step.roll 
_ndb_struct_na_base_pair_step.twist 
_ndb_struct_na_base_pair_step.x_displacement 
_ndb_struct_na_base_pair_step.y_displacement 
_ndb_struct_na_base_pair_step.helical_rise 
_ndb_struct_na_base_pair_step.inclination 
_ndb_struct_na_base_pair_step.tip 
_ndb_struct_na_base_pair_step.helical_twist 
_ndb_struct_na_base_pair_step.step_number 
_ndb_struct_na_base_pair_step.step_name 
_ndb_struct_na_base_pair_step.i_auth_asym_id_1 
_ndb_struct_na_base_pair_step.i_auth_seq_id_1 
_ndb_struct_na_base_pair_step.i_PDB_ins_code_1 
_ndb_struct_na_base_pair_step.j_auth_asym_id_1 
_ndb_struct_na_base_pair_step.j_auth_seq_id_1 
_ndb_struct_na_base_pair_step.j_PDB_ins_code_1 
_ndb_struct_na_base_pair_step.i_auth_asym_id_2 
_ndb_struct_na_base_pair_step.i_auth_seq_id_2 
_ndb_struct_na_base_pair_step.i_PDB_ins_code_2 
_ndb_struct_na_base_pair_step.j_auth_asym_id_2 
_ndb_struct_na_base_pair_step.j_auth_seq_id_2 
_ndb_struct_na_base_pair_step.j_PDB_ins_code_2 
1 A A   1  1_555 A U   16 17_554 A G   2  1_555 A C   15 17_554 -0.605 -1.040 3.293 -0.797 8.077  33.884 -2.936 0.893  2.987 
13.618 1.343  34.815 1  AA_A1G2:C15U16_AA    A 1  ? A 16 ? A 2  ? A 15 ? 
1 A G   2  1_555 A C   15 17_554 A A   3  1_555 A U   14 17_554 0.701  -1.045 3.154 -0.375 5.058  33.939 -2.518 -1.244 2.965 8.605 
0.638  34.305 2  AA_G2A3:U14C15_AA    A 2  ? A 15 ? A 3  ? A 14 ? 
1 A A   3  1_555 A U   14 17_554 A G   4  1_555 A C   13 17_554 -0.599 -1.353 3.195 -1.074 11.864 32.269 -3.983 0.861  2.570 
20.494 1.855  34.342 3  AA_A3G4:C13U14_AA    A 3  ? A 14 ? A 4  ? A 13 ? 
1 A G   4  1_555 A C   13 17_554 A A   5  1_555 A U   12 17_554 0.372  -1.527 3.253 -1.152 9.909  29.378 -4.614 -0.901 2.596 
18.865 2.193  30.990 4  AA_G4A5:U12C13_AA    A 4  ? A 13 ? A 5  ? A 12 ? 
1 A A   5  1_555 A U   12 17_554 A A   6  1_555 A U   11 17_554 0.907  -1.885 3.463 4.521  16.295 33.548 -4.974 -0.847 2.422 
26.260 -7.287 37.460 5  AA_A5A6:U11U12_AA    A 5  ? A 12 ? A 6  ? A 11 ? 
1 A A   6  1_555 A U   11 17_554 A DI  7  1_555 A RSP 10 17_554 -0.457 -1.977 3.065 -1.488 8.170  24.816 -6.251 0.668  2.329 
18.367 3.344  26.148 6  AA_A6DI7:RSP10U11_AA A 6  ? A 11 ? A 7  ? A 10 ? 
1 A DI  7  1_555 A RSP 10 17_554 A A   8  1_555 A U   9  17_554 -0.294 -1.188 3.166 0.709  5.618  32.545 -2.982 0.630  2.918 9.930 
-1.253 33.021 7  AA_DI7A8:U9RSP10_AA  A 7  ? A 10 ? A 8  ? A 9  ? 
1 A A   8  1_555 A U   9  17_554 A U   9  1_555 A A   8  17_554 0.000  -1.145 3.265 0.000  9.008  31.196 -3.556 0.000  2.833 
16.329 0.000  32.439 8  AA_A8U9:A8U9_AA      A 8  ? A 9  ? A 9  ? A 8  ? 
1 A U   9  1_555 A A   8  17_554 A RSP 10 1_555 A DI  7  17_554 0.294  -1.188 3.166 -0.709 5.618  32.545 -2.982 -0.630 2.918 9.930 
1.253  33.021 9  AA_U9RSP10:DI7A8_AA  A 9  ? A 8  ? A 10 ? A 7  ? 
1 A RSP 10 1_555 A DI  7  17_554 A U   11 1_555 A A   6  17_554 0.457  -1.977 3.065 1.488  8.170  24.816 -6.251 -0.668 2.329 
18.367 -3.344 26.148 10 AA_RSP10U11:A6DI7_AA A 10 ? A 7  ? A 11 ? A 6  ? 
1 A U   11 1_555 A A   6  17_554 A U   12 1_555 A A   5  17_554 -0.907 -1.885 3.463 -4.521 16.295 33.548 -4.974 0.847  2.422 
26.260 7.287  37.460 11 AA_U11U12:A5A6_AA    A 11 ? A 6  ? A 12 ? A 5  ? 
1 A U   12 1_555 A A   5  17_554 A C   13 1_555 A G   4  17_554 -0.372 -1.527 3.253 1.152  9.909  29.378 -4.614 0.901  2.596 
18.865 -2.193 30.990 12 AA_U12C13:G4A5_AA    A 12 ? A 5  ? A 13 ? A 4  ? 
1 A C   13 1_555 A G   4  17_554 A U   14 1_555 A A   3  17_554 0.599  -1.353 3.195 1.074  11.864 32.269 -3.983 -0.861 2.570 
20.494 -1.855 34.342 13 AA_C13U14:A3G4_AA    A 13 ? A 4  ? A 14 ? A 3  ? 
1 A U   14 1_555 A A   3  17_554 A C   15 1_555 A G   2  17_554 -0.701 -1.045 3.154 0.375  5.058  33.939 -2.518 1.244  2.965 8.605 
-0.638 34.305 14 AA_U14C15:G2A3_AA    A 14 ? A 3  ? A 15 ? A 2  ? 
1 A C   15 1_555 A G   2  17_554 A U   16 1_555 A A   1  17_554 0.605  -1.040 3.293 0.797  8.077  33.884 -2.936 -0.893 2.987 
13.618 -1.343 34.815 15 AA_C15U16:A1G2_AA    A 15 ? A 2  ? A 16 ? A 1  ? 
# 
loop_
_pdbx_audit_support.funding_organization 
_pdbx_audit_support.country 
_pdbx_audit_support.grant_number 
_pdbx_audit_support.ordinal 
'National Science Foundation (NSF, United States)' 'United States' 2104708 1 
'Howard Hughes Medical Institute (HHMI)'           'United States' ?       2 
# 
_pdbx_initial_refinement_model.id               1 
_pdbx_initial_refinement_model.entity_id_list   ? 
_pdbx_initial_refinement_model.type             'experimental model' 
_pdbx_initial_refinement_model.source_name      PDB 
_pdbx_initial_refinement_model.accession_code   9MDY 
_pdbx_initial_refinement_model.details          ? 
# 
_atom_sites.entry_id                    9OL1 
_atom_sites.Cartn_transf_matrix[1][1]   ? 
_atom_sites.Cartn_transf_matrix[1][2]   ? 
_atom_sites.Cartn_transf_matrix[1][3]   ? 
_atom_sites.Cartn_transf_matrix[2][1]   ? 
_atom_sites.Cartn_transf_matrix[2][2]   ? 
_atom_sites.Cartn_transf_matrix[2][3]   ? 
_atom_sites.Cartn_transf_matrix[3][1]   ? 
_atom_sites.Cartn_transf_matrix[3][2]   ? 
_atom_sites.Cartn_transf_matrix[3][3]   ? 
_atom_sites.Cartn_transf_vector[1]      ? 
_atom_sites.Cartn_transf_vector[2]      ? 
_atom_sites.Cartn_transf_vector[3]      ? 
_atom_sites.Cartn_transform_axes        ? 
_atom_sites.fract_transf_matrix[1][1]   -0.00218229 
_atom_sites.fract_transf_matrix[1][2]   -0.00637845 
_atom_sites.fract_transf_matrix[1][3]   0.02741704 
_atom_sites.fract_transf_matrix[2][1]   0.01814130 
_atom_sites.fract_transf_matrix[2][2]   0.01110713 
_atom_sites.fract_transf_matrix[2][3]   0.01856566 
_atom_sites.fract_transf_matrix[3][1]   -0.00490184 
_atom_sites.fract_transf_matrix[3][2]   0.00623410 
_atom_sites.fract_transf_matrix[3][3]   0.00106017 
_atom_sites.fract_transf_vector[1]      0.245843 
_atom_sites.fract_transf_vector[2]      0.361556 
_atom_sites.fract_transf_vector[3]      -0.152024 
_atom_sites.solution_primary            ? 
_atom_sites.solution_secondary          ? 
_atom_sites.solution_hydrogens          ? 
_atom_sites.special_details             ? 
# 
loop_
_atom_type.symbol 
_atom_type.pdbx_scat_Z 
_atom_type.pdbx_N_electrons 
_atom_type.scat_Cromer_Mann_a1 
_atom_type.scat_Cromer_Mann_b1 
_atom_type.scat_Cromer_Mann_a2 
_atom_type.scat_Cromer_Mann_b2 
_atom_type.scat_Cromer_Mann_a3 
_atom_type.scat_Cromer_Mann_b3 
_atom_type.scat_Cromer_Mann_a4 
_atom_type.scat_Cromer_Mann_b4 
_atom_type.scat_Cromer_Mann_c 
C  6  6  2.3103  20.8439 1.0201 10.2075 1.5888 0.5687  0.8651 51.6512  0.2156   
CA 20 20 8.6266  10.4421 7.3873 0.6599  1.5899 85.7484 1.0211 178.4370 1.6752   
H  1  1  0.4930  10.5109 0.3229 26.1257 0.1402 3.1424  0.0408 57.7997  0.0030   
N  7  7  12.2220 0.0057  3.1346 9.8933  2.0141 28.9975 1.1672 0.5826   -11.5379 
O  8  8  3.0487  13.2771 2.2870 5.7011  1.5464 0.3239  0.8671 32.9089  0.2508   
P  15 15 6.4348  1.9067  4.1793 27.1570 1.7801 0.5260  1.4909 68.1645  1.2732   
S  16 16 6.9054  1.4679  5.2035 22.2151 1.4379 0.2536  1.5863 56.1720  1.0555   
# 
loop_
_atom_site.group_PDB 
_atom_site.id 
_atom_site.type_symbol 
_atom_site.label_atom_id 
_atom_site.label_alt_id 
_atom_site.label_comp_id 
_atom_site.label_asym_id 
_atom_site.label_entity_id 
_atom_site.label_seq_id 
_atom_site.pdbx_PDB_ins_code 
_atom_site.Cartn_x 
_atom_site.Cartn_y 
_atom_site.Cartn_z 
_atom_site.occupancy 
_atom_site.B_iso_or_equiv 
_atom_site.pdbx_formal_charge 
_atom_site.auth_seq_id 
_atom_site.auth_comp_id 
_atom_site.auth_asym_id 
_atom_site.auth_atom_id 
_atom_site.pdbx_PDB_model_num 
_atom_site.calc_flag 
ATOM   1   O  "O5'" . A   A 1 1  ? 10.843  -15.134 5.091   1.000 25.229 0 1   A   A "O5'" 1 ? 
ATOM   2   C  "C5'" . A   A 1 1  ? 11.629  -14.556 6.156   1.000 18.111 0 1   A   A "C5'" 1 ? 
ATOM   3   C  "C4'" . A   A 1 1  ? 12.986  -14.160 5.623   1.000 16.517 0 1   A   A "C4'" 1 ? 
ATOM   4   O  "O4'" . A   A 1 1  ? 13.603  -15.269 4.931   1.000 14.180 0 1   A   A "O4'" 1 ? 
ATOM   5   C  "C3'" . A   A 1 1  ? 12.993  -13.047 4.578   1.000 15.780 0 1   A   A "C3'" 1 ? 
ATOM   6   O  "O3'" . A   A 1 1  ? 12.971  -11.783 5.216   1.000 15.514 0 1   A   A "O3'" 1 ? 
ATOM   7   C  "C2'" . A   A 1 1  ? 14.332  -13.286 3.895   1.000 15.195 0 1   A   A "C2'" 1 ? 
ATOM   8   O  "O2'" . A   A 1 1  ? 15.413  -12.835 4.676   1.000 16.352 0 1   A   A "O2'" 1 ? 
ATOM   9   C  "C1'" . A   A 1 1  ? 14.325  -14.806 3.811   1.000 13.600 0 1   A   A "C1'" 1 ? 
ATOM   10  N  N9    . A   A 1 1  ? 13.706  -15.394 2.648   1.000 12.328 0 1   A   A N9    1 ? 
ATOM   11  C  C8    . A   A 1 1  ? 12.551  -16.136 2.598   1.000 12.149 0 1   A   A C8    1 ? 
ATOM   12  N  N7    . A   A 1 1  ? 12.294  -16.661 1.435   1.000 13.017 0 1   A   A N7    1 ? 
ATOM   13  C  C5    . A   A 1 1  ? 13.356  -16.207 0.643   1.000 11.157 0 1   A   A C5    1 ? 
ATOM   14  C  C6    . A   A 1 1  ? 13.699  -16.457 -0.702  1.000 10.922 0 1   A   A C6    1 ? 
ATOM   15  N  N6    . A   A 1 1  ? 12.999  -17.220 -1.517  1.000 11.795 0 1   A   A N6    1 ? 
ATOM   16  N  N1    . A   A 1 1  ? 14.824  -15.876 -1.181  1.000 10.857 0 1   A   A N1    1 ? 
ATOM   17  C  C2    . A   A 1 1  ? 15.561  -15.150 -0.334  1.000 10.693 0 1   A   A C2    1 ? 
ATOM   18  N  N3    . A   A 1 1  ? 15.352  -14.849 0.949   1.000 11.091 0 1   A   A N3    1 ? 
ATOM   19  C  C4    . A   A 1 1  ? 14.227  -15.439 1.381   1.000 11.571 0 1   A   A C4    1 ? 
ATOM   20  P  P     . G   A 1 2  ? 12.245  -10.530 4.537   1.000 15.391 0 2   G   A P     1 ? 
ATOM   21  O  OP1   . G   A 1 2  ? 12.129  -9.471  5.575   1.000 17.797 0 2   G   A OP1   1 ? 
ATOM   22  O  OP2   . G   A 1 2  ? 11.038  -10.953 3.818   1.000 15.346 0 2   G   A OP2   1 ? 
ATOM   23  O  "O5'" . G   A 1 2  ? 13.263  -10.091 3.410   1.000 14.799 0 2   G   A "O5'" 1 ? 
ATOM   24  C  "C5'" . G   A 1 2  ? 14.526  -9.536  3.741   1.000 14.395 0 2   G   A "C5'" 1 ? 
ATOM   25  C  "C4'" . G   A 1 2  ? 15.253  -9.321  2.446   1.000 14.336 0 2   G   A "C4'" 1 ? 
ATOM   26  O  "O4'" . G   A 1 2  ? 15.581  -10.624 1.910   1.000 13.880 0 2   G   A "O4'" 1 ? 
ATOM   27  C  "C3'" . G   A 1 2  ? 14.456  -8.678  1.311   1.000 14.665 0 2   G   A "C3'" 1 ? 
ATOM   28  O  "O3'" . G   A 1 2  ? 14.410  -7.273  1.470   1.000 16.130 0 2   G   A "O3'" 1 ? 
ATOM   29  C  "C2'" . G   A 1 2  ? 15.313  -9.084  0.126   1.000 14.994 0 2   G   A "C2'" 1 ? 
ATOM   30  O  "O2'" . G   A 1 2  ? 16.523  -8.368  0.077   1.000 16.374 0 2   G   A "O2'" 1 ? 
ATOM   31  C  "C1'" . G   A 1 2  ? 15.539  -10.546 0.485   1.000 12.730 0 2   G   A "C1'" 1 ? 
ATOM   32  N  N9    . G   A 1 2  ? 14.490  -11.425 0.023   1.000 11.561 0 2   G   A N9    1 ? 
ATOM   33  C  C8    . G   A 1 2  ? 13.423  -11.952 0.716   1.000 11.052 0 2   G   A C8    1 ? 
ATOM   34  N  N7    . G   A 1 2  ? 12.672  -12.749 0.018   1.000 11.143 0 2   G   A N7    1 ? 
ATOM   35  C  C5    . G   A 1 2  ? 13.292  -12.790 -1.218  1.000 10.050 0 2   G   A C5    1 ? 
ATOM   36  C  C6    . G   A 1 2  ? 12.921  -13.499 -2.374  1.000 10.035 0 2   G   A C6    1 ? 
ATOM   37  O  O6    . G   A 1 2  ? 12.006  -14.292 -2.540  1.000 10.787 0 2   G   A O6    1 ? 
ATOM   38  N  N1    . G   A 1 2  ? 13.775  -13.196 -3.438  1.000 10.318 0 2   G   A N1    1 ? 
ATOM   39  C  C2    . G   A 1 2  ? 14.853  -12.347 -3.379  1.000 10.755 0 2   G   A C2    1 ? 
ATOM   40  N  N2    . G   A 1 2  ? 15.516  -12.138 -4.527  1.000 11.379 0 2   G   A N2    1 ? 
ATOM   41  N  N3    . G   A 1 2  ? 15.215  -11.694 -2.274  1.000 11.199 0 2   G   A N3    1 ? 
ATOM   42  C  C4    . G   A 1 2  ? 14.385  -11.965 -1.235  1.000 10.425 0 2   G   A C4    1 ? 
ATOM   43  P  P     . A   A 1 3  ? 13.183  -6.415  0.898   1.000 17.832 0 3   A   A P     1 ? 
ATOM   44  O  OP1   . A   A 1 3  ? 13.456  -5.023  1.344   1.000 19.862 0 3   A   A OP1   1 ? 
ATOM   45  O  OP2   . A   A 1 3  ? 11.901  -7.056  1.211   1.000 16.694 0 3   A   A OP2   1 ? 
ATOM   46  O  "O5'" . A   A 1 3  ? 13.342  -6.559  -0.694  1.000 14.427 0 3   A   A "O5'" 1 ? 
ATOM   47  C  "C5'" . A   A 1 3  ? 14.481  -5.996  -1.384  1.000 12.453 0 3   A   A "C5'" 1 ? 
ATOM   48  C  "C4'" . A   A 1 3  ? 14.449  -6.521  -2.794  1.000 12.950 0 3   A   A "C4'" 1 ? 
ATOM   49  O  "O4'" . A   A 1 3  ? 14.536  -7.957  -2.778  1.000 11.506 0 3   A   A "O4'" 1 ? 
ATOM   50  C  "C3'" . A   A 1 3  ? 13.165  -6.272  -3.571  1.000 13.495 0 3   A   A "C3'" 1 ? 
ATOM   51  O  "O3'" . A   A 1 3  ? 13.160  -4.928  -4.009  1.000 13.026 0 3   A   A "O3'" 1 ? 
ATOM   52  C  "C2'" . A   A 1 3  ? 13.363  -7.270  -4.697  1.000 12.832 0 3   A   A "C2'" 1 ? 
ATOM   53  O  "O2'" . A   A 1 3  ? 14.335  -6.827  -5.604  1.000 14.572 0 3   A   A "O2'" 1 ? 
ATOM   54  C  "C1'" . A   A 1 3  ? 13.862  -8.470  -3.911  1.000 11.766 0 3   A   A "C1'" 1 ? 
ATOM   55  N  N9    . A   A 1 3  ? 12.796  -9.337  -3.418  1.000 11.479 0 3   A   A N9    1 ? 
ATOM   56  C  C8    . A   A 1 3  ? 12.199  -9.348  -2.193  1.000 11.541 0 3   A   A C8    1 ? 
ATOM   57  N  N7    . A   A 1 3  ? 11.238  -10.249 -2.082  1.000 10.904 0 3   A   A N7    1 ? 
ATOM   58  C  C5    . A   A 1 3  ? 11.201  -10.854 -3.337  1.000 10.999 0 3   A   A C5    1 ? 
ATOM   59  C  C6    . A   A 1 3  ? 10.411  -11.880 -3.882  1.000 10.037 0 3   A   A C6    1 ? 
ATOM   60  N  N6    . A   A 1 3  ? 9.531   -12.565 -3.185  1.000 10.886 0 3   A   A N6    1 ? 
ATOM   61  N  N1    . A   A 1 3  ? 10.640  -12.219 -5.162  1.000 10.330 0 3   A   A N1    1 ? 
ATOM   62  C  C2    . A   A 1 3  ? 11.579  -11.578 -5.859  1.000 10.500 0 3   A   A C2    1 ? 
ATOM   63  N  N3    . A   A 1 3  ? 12.405  -10.608 -5.436  1.000 10.327 0 3   A   A N3    1 ? 
ATOM   64  C  C4    . A   A 1 3  ? 12.117  -10.268 -4.176  1.000 10.558 0 3   A   A C4    1 ? 
ATOM   65  P  P     . G   A 1 4  ? 11.766  -4.243  -4.406  1.000 15.374 0 4   G   A P     1 ? 
ATOM   66  O  OP1   . G   A 1 4  ? 12.071  -2.785  -4.575  1.000 18.621 0 4   G   A OP1   1 ? 
ATOM   67  O  OP2   . G   A 1 4  ? 10.709  -4.622  -3.443  1.000 16.687 0 4   G   A OP2   1 ? 
ATOM   68  O  "O5'" . G   A 1 4  ? 11.326  -4.897  -5.805  1.000 14.954 0 4   G   A "O5'" 1 ? 
ATOM   69  C  "C5'" . G   A 1 4  ? 12.024  -4.555  -7.024  1.000 13.255 0 4   G   A "C5'" 1 ? 
ATOM   70  C  "C4'" . G   A 1 4  ? 11.450  -5.354  -8.169  1.000 13.573 0 4   G   A "C4'" 1 ? 
ATOM   71  O  "O4'" . G   A 1 4  ? 11.695  -6.770  -7.989  1.000 14.715 0 4   G   A "O4'" 1 ? 
ATOM   72  C  "C3'" . G   A 1 4  ? 9.932   -5.318  -8.336  1.000 14.077 0 4   G   A "C3'" 1 ? 
ATOM   73  O  "O3'" . G   A 1 4  ? 9.561   -4.050  -8.864  1.000 15.349 0 4   G   A "O3'" 1 ? 
ATOM   74  C  "C2'" . G   A 1 4  ? 9.713   -6.534  -9.236  1.000 13.363 0 4   G   A "C2'" 1 ? 
ATOM   75  O  "O2'" . G   A 1 4  ? 10.136  -6.340  -10.551 1.000 15.213 0 4   G   A "O2'" 1 ? 
ATOM   76  C  "C1'" . G   A 1 4  ? 10.627  -7.525  -8.541  1.000 13.659 0 4   G   A "C1'" 1 ? 
ATOM   77  N  N9    . G   A 1 4  ? 9.951   -8.191  -7.440  1.000 13.413 0 4   G   A N9    1 ? 
ATOM   78  C  C8    . G   A 1 4  ? 9.992   -7.863  -6.115  1.000 12.853 0 4   G   A C8    1 ? 
ATOM   79  N  N7    . G   A 1 4  ? 9.279   -8.633  -5.340  1.000 12.312 0 4   G   A N7    1 ? 
ATOM   80  C  C5    . G   A 1 4  ? 8.739   -9.562  -6.220  1.000 11.682 0 4   G   A C5    1 ? 
ATOM   81  C  C6    . G   A 1 4  ? 7.858   -10.654 -5.965  1.000 11.484 0 4   G   A C6    1 ? 
ATOM   82  O  O6    . G   A 1 4  ? 7.402   -11.020 -4.862  1.000 11.933 0 4   G   A O6    1 ? 
ATOM   83  N  N1    . G   A 1 4  ? 7.482   -11.266 -7.152  1.000 11.488 0 4   G   A N1    1 ? 
ATOM   84  C  C2    . G   A 1 4  ? 7.885   -10.912 -8.411  1.000 12.096 0 4   G   A C2    1 ? 
ATOM   85  N  N2    . G   A 1 4  ? 7.409   -11.624 -9.433  1.000 11.733 0 4   G   A N2    1 ? 
ATOM   86  N  N3    . G   A 1 4  ? 8.728   -9.904  -8.658  1.000 12.435 0 4   G   A N3    1 ? 
ATOM   87  C  C4    . G   A 1 4  ? 9.103   -9.287  -7.519  1.000 12.001 0 4   G   A C4    1 ? 
ATOM   88  P  P     . A   A 1 5  ? 8.153   -3.409  -8.440  1.000 16.488 0 5   A   A P     1 ? 
ATOM   89  O  OP1   . A   A 1 5  ? 8.125   -2.084  -9.137  1.000 17.891 0 5   A   A OP1   1 ? 
ATOM   90  O  OP2   . A   A 1 5  ? 7.887   -3.512  -6.990  1.000 16.629 0 5   A   A OP2   1 ? 
ATOM   91  O  "O5'" . A   A 1 5  ? 7.077   -4.389  -9.082  1.000 15.358 0 5   A   A "O5'" 1 ? 
ATOM   92  C  "C5'" . A   A 1 5  ? 6.985   -4.507  -10.485 1.000 16.553 0 5   A   A "C5'" 1 ? 
ATOM   93  C  "C4'" . A   A 1 5  ? 6.008   -5.616  -10.781 1.000 16.307 0 5   A   A "C4'" 1 ? 
ATOM   94  O  "O4'" . A   A 1 5  ? 6.549   -6.878  -10.329 1.000 15.506 0 5   A   A "O4'" 1 ? 
ATOM   95  C  "C3'" . A   A 1 5  ? 4.645   -5.575  -10.074 1.000 15.996 0 5   A   A "C3'" 1 ? 
ATOM   96  O  "O3'" . A   A 1 5  ? 3.821   -4.548  -10.596 1.000 14.221 0 5   A   A "O3'" 1 ? 
ATOM   97  C  "C2'" . A   A 1 5  ? 4.189   -7.005  -10.330 1.000 16.538 0 5   A   A "C2'" 1 ? 
ATOM   98  O  "O2'" . A   A 1 5  ? 3.735   -7.187  -11.658 1.000 17.677 0 5   A   A "O2'" 1 ? 
ATOM   99  C  "C1'" . A   A 1 5  ? 5.491   -7.749  -9.992  1.000 15.377 0 5   A   A "C1'" 1 ? 
ATOM   100 N  N9    . A   A 1 5  ? 5.541   -8.045  -8.562  1.000 15.097 0 5   A   A N9    1 ? 
ATOM   101 C  C8    . A   A 1 5  ? 6.148   -7.328  -7.563  1.000 14.654 0 5   A   A C8    1 ? 
ATOM   102 N  N7    . A   A 1 5  ? 5.927   -7.809  -6.374  1.000 14.741 0 5   A   A N7    1 ? 
ATOM   103 C  C5    . A   A 1 5  ? 5.062   -8.864  -6.581  1.000 14.222 0 5   A   A C5    1 ? 
ATOM   104 C  C6    . A   A 1 5  ? 4.439   -9.769  -5.707  1.000 13.974 0 5   A   A C6    1 ? 
ATOM   105 N  N6    . A   A 1 5  ? 4.591   -9.741  -4.391  1.000 14.722 0 5   A   A N6    1 ? 
ATOM   106 N  N1    . A   A 1 5  ? 3.626   -10.713 -6.241  1.000 13.748 0 5   A   A N1    1 ? 
ATOM   107 C  C2    . A   A 1 5  ? 3.515   -10.748 -7.577  1.000 13.679 0 5   A   A C2    1 ? 
ATOM   108 N  N3    . A   A 1 5  ? 4.011   -9.935  -8.499  1.000 15.197 0 5   A   A N3    1 ? 
ATOM   109 C  C4    . A   A 1 5  ? 4.826   -9.028  -7.935  1.000 13.036 0 5   A   A C4    1 ? 
ATOM   110 P  P     . A   A 1 6  ? 2.714   -3.860  -9.675  1.000 15.770 0 6   A   A P     1 ? 
ATOM   111 O  OP1   . A   A 1 6  ? 2.073   -2.764  -10.463 1.000 18.105 0 6   A   A OP1   1 ? 
ATOM   112 O  OP2   . A   A 1 6  ? 3.298   -3.509  -8.337  1.000 16.795 0 6   A   A OP2   1 ? 
ATOM   113 O  "O5'" . A   A 1 6  ? 1.656   -4.996  -9.368  1.000 14.977 0 6   A   A "O5'" 1 ? 
ATOM   114 C  "C5'" . A   A 1 6  ? 0.926   -5.565  -10.474 1.000 15.422 0 6   A   A "C5'" 1 ? 
ATOM   115 C  "C4'" . A   A 1 6  ? 0.052   -6.686  -9.973  1.000 14.515 0 6   A   A "C4'" 1 ? 
ATOM   116 O  "O4'" . A   A 1 6  ? 0.864   -7.766  -9.420  1.000 14.660 0 6   A   A "O4'" 1 ? 
ATOM   117 C  "C3'" . A   A 1 6  ? -0.884  -6.323  -8.834  1.000 14.679 0 6   A   A "C3'" 1 ? 
ATOM   118 O  "O3'" . A   A 1 6  ? -2.024  -5.654  -9.346  1.000 14.739 0 6   A   A "O3'" 1 ? 
ATOM   119 C  "C2'" . A   A 1 6  ? -1.189  -7.716  -8.290  1.000 14.420 0 6   A   A "C2'" 1 ? 
ATOM   120 O  "O2'" . A   A 1 6  ? -2.042  -8.440  -9.133  1.000 14.695 0 6   A   A "O2'" 1 ? 
ATOM   121 C  "C1'" . A   A 1 6  ? 0.206   -8.337  -8.321  1.000 14.582 0 6   A   A "C1'" 1 ? 
ATOM   122 N  N9    . A   A 1 6  ? 0.967   -8.068  -7.102  1.000 13.502 0 6   A   A N9    1 ? 
ATOM   123 C  C8    . A   A 1 6  ? 1.930   -7.134  -6.848  1.000 13.918 0 6   A   A C8    1 ? 
ATOM   124 N  N7    . A   A 1 6  ? 2.350   -7.153  -5.603  1.000 13.942 0 6   A   A N7    1 ? 
ATOM   125 C  C5    . A   A 1 6  ? 1.583   -8.136  -5.006  1.000 13.862 0 6   A   A C5    1 ? 
ATOM   126 C  C6    . A   A 1 6  ? 1.582   -8.661  -3.705  1.000 14.062 0 6   A   A C6    1 ? 
ATOM   127 N  N6    . A   A 1 6  ? 2.339   -8.192  -2.725  1.000 13.838 0 6   A   A N6    1 ? 
ATOM   128 N  N1    . A   A 1 6  ? 0.696   -9.643  -3.425  1.000 13.636 0 6   A   A N1    1 ? 
ATOM   129 C  C2    . A   A 1 6  ? -0.075  -10.123 -4.407  1.000 13.813 0 6   A   A C2    1 ? 
ATOM   130 N  N3    . A   A 1 6  ? -0.138  -9.719  -5.681  1.000 13.739 0 6   A   A N3    1 ? 
ATOM   131 C  C4    . A   A 1 6  ? 0.736   -8.723  -5.916  1.000 14.114 0 6   A   A C4    1 ? 
ATOM   132 P  P     . DI  A 1 7  ? -2.761  -4.607  -8.381  1.000 15.717 0 7   DI  A P     1 ? 
ATOM   133 O  OP1   . DI  A 1 7  ? -3.815  -3.911  -9.165  1.000 16.688 0 7   DI  A OP1   1 ? 
ATOM   134 O  OP2   . DI  A 1 7  ? -1.783  -3.751  -7.685  1.000 17.601 0 7   DI  A OP2   1 ? 
ATOM   135 O  "O5'" . DI  A 1 7  ? -3.442  -5.512  -7.258  1.000 14.767 0 7   DI  A "O5'" 1 ? 
ATOM   136 C  "C5'" . DI  A 1 7  ? -4.535  -6.288  -7.658  1.000 14.384 0 7   DI  A "C5'" 1 ? 
ATOM   137 C  "C4'" . DI  A 1 7  ? -4.946  -7.269  -6.551  1.000 14.748 0 7   DI  A "C4'" 1 ? 
ATOM   138 O  "O4'" . DI  A 1 7  ? -3.932  -8.019  -6.108  1.000 13.472 0 7   DI  A "O4'" 1 ? 
ATOM   139 C  "C3'" . DI  A 1 7  ? -5.472  -6.547  -5.289  1.000 15.330 0 7   DI  A "C3'" 1 ? 
ATOM   140 O  "O3'" . DI  A 1 7  ? -6.799  -6.038  -5.470  1.000 15.419 0 7   DI  A "O3'" 1 ? 
ATOM   141 C  "C2'" . DI  A 1 7  ? -5.425  -7.665  -4.288  1.000 13.229 0 7   DI  A "C2'" 1 ? 
ATOM   142 C  "C1'" . DI  A 1 7  ? -4.124  -8.355  -4.726  1.000 13.396 0 7   DI  A "C1'" 1 ? 
ATOM   143 N  N9    . DI  A 1 7  ? -2.983  -7.857  -3.998  1.000 11.970 0 7   DI  A N9    1 ? 
ATOM   144 C  C8    . DI  A 1 7  ? -2.012  -6.958  -4.353  1.000 12.699 0 7   DI  A C8    1 ? 
ATOM   145 N  N7    . DI  A 1 7  ? -1.166  -6.755  -3.363  1.000 13.641 0 7   DI  A N7    1 ? 
ATOM   146 C  C5    . DI  A 1 7  ? -1.555  -7.508  -2.363  1.000 12.194 0 7   DI  A C5    1 ? 
ATOM   147 C  C6    . DI  A 1 7  ? -0.996  -7.759  -1.004  1.000 12.587 0 7   DI  A C6    1 ? 
ATOM   148 O  O6    . DI  A 1 7  ? 0.001   -7.263  -0.547  1.000 13.704 0 7   DI  A O6    1 ? 
ATOM   149 N  N1    . DI  A 1 7  ? -1.712  -8.671  -0.234  1.000 12.764 0 7   DI  A N1    1 ? 
ATOM   150 C  C2    . DI  A 1 7  ? -2.911  -9.305  -0.632  1.000 12.999 0 7   DI  A C2    1 ? 
ATOM   151 N  N3    . DI  A 1 7  ? -3.391  -9.093  -1.915  1.000 12.936 0 7   DI  A N3    1 ? 
ATOM   152 C  C4    . DI  A 1 7  ? -2.659  -8.173  -2.750  1.000 12.987 0 7   DI  A C4    1 ? 
ATOM   153 P  P     . A   A 1 8  ? -7.397  -4.878  -4.511  1.000 18.737 0 8   A   A P     1 ? 
ATOM   154 O  OP1   . A   A 1 8  ? -8.674  -4.462  -5.174  1.000 23.229 0 8   A   A OP1   1 ? 
ATOM   155 O  OP2   . A   A 1 8  ? -6.355  -3.871  -4.212  1.000 18.886 0 8   A   A OP2   1 ? 
ATOM   156 O  "O5'" . A   A 1 8  ? -7.680  -5.622  -3.135  1.000 19.125 0 8   A   A "O5'" 1 ? 
ATOM   157 C  "C5'" . A   A 1 8  ? -8.633  -6.702  -3.090  1.000 18.278 0 8   A   A "C5'" 1 ? 
ATOM   158 C  "C4'" . A   A 1 8  ? -8.583  -7.347  -1.729  1.000 20.390 0 8   A   A "C4'" 1 ? 
ATOM   159 O  "O4'" . A   A 1 8  ? -7.280  -7.936  -1.509  1.000 18.519 0 8   A   A "O4'" 1 ? 
ATOM   160 C  "C3'" . A   A 1 8  ? -8.750  -6.419  -0.520  1.000 19.616 0 8   A   A "C3'" 1 ? 
ATOM   161 O  "O3'" . A   A 1 8  ? -10.121 -6.152  -0.256  1.000 19.231 0 8   A   A "O3'" 1 ? 
ATOM   162 C  "C2'" . A   A 1 8  ? -8.133  -7.269  0.586   1.000 18.946 0 8   A   A "C2'" 1 ? 
ATOM   163 O  "O2'" . A   A 1 8  ? -8.986  -8.320  0.972   1.000 20.626 0 8   A   A "O2'" 1 ? 
ATOM   164 C  "C1'" . A   A 1 8  ? -6.919  -7.806  -0.148  1.000 18.782 0 8   A   A "C1'" 1 ? 
ATOM   165 N  N9    . A   A 1 8  ? -5.741  -6.962  -0.069  1.000 15.321 0 8   A   A N9    1 ? 
ATOM   166 C  C8    . A   A 1 8  ? -5.282  -6.074  -0.998  1.000 15.173 0 8   A   A C8    1 ? 
ATOM   167 N  N7    . A   A 1 8  ? -4.124  -5.551  -0.679  1.000 15.484 0 8   A   A N7    1 ? 
ATOM   168 C  C5    . A   A 1 8  ? -3.827  -6.114  0.554   1.000 13.304 0 8   A   A C5    1 ? 
ATOM   169 C  C6    . A   A 1 8  ? -2.760  -5.927  1.450   1.000 14.458 0 8   A   A C6    1 ? 
ATOM   170 N  N6    . A   A 1 8  ? -1.732  -5.156  1.162   1.000 14.885 0 8   A   A N6    1 ? 
ATOM   171 N  N1    . A   A 1 8  ? -2.797  -6.623  2.603   1.000 14.977 0 8   A   A N1    1 ? 
ATOM   172 C  C2    . A   A 1 8  ? -3.818  -7.437  2.852   1.000 16.856 0 8   A   A C2    1 ? 
ATOM   173 N  N3    . A   A 1 8  ? -4.873  -7.695  2.082   1.000 17.375 0 8   A   A N3    1 ? 
ATOM   174 C  C4    . A   A 1 8  ? -4.832  -6.967  0.958   1.000 15.699 0 8   A   A C4    1 ? 
ATOM   175 P  P     . U   A 1 9  ? -10.561 -4.723  0.327   1.000 20.118 0 9   U   A P     1 ? 
ATOM   176 O  OP1   . U   A 1 9  ? -12.057 -4.708  0.224   1.000 23.091 0 9   U   A OP1   1 ? 
ATOM   177 O  OP2   . U   A 1 9  ? -9.781  -3.594  -0.240  1.000 19.730 0 9   U   A OP2   1 ? 
ATOM   178 O  "O5'" . U   A 1 9  ? -10.098 -4.808  1.848   1.000 19.581 0 9   U   A "O5'" 1 ? 
ATOM   179 C  "C5'" . U   A 1 9  ? -10.709 -5.787  2.715   1.000 20.302 0 9   U   A "C5'" 1 ? 
ATOM   180 C  "C4'" . U   A 1 9  ? -9.920  -5.863  3.987   1.000 21.215 0 9   U   A "C4'" 1 ? 
ATOM   181 O  "O4'" . U   A 1 9  ? -8.567  -6.313  3.720   1.000 19.122 0 9   U   A "O4'" 1 ? 
ATOM   182 C  "C3'" . U   A 1 9  ? -9.698  -4.530  4.699   1.000 20.958 0 9   U   A "C3'" 1 ? 
ATOM   183 O  "O3'" . U   A 1 9  ? -10.882 -4.118  5.368   1.000 21.650 0 9   U   A "O3'" 1 ? 
ATOM   184 C  "C2'" . U   A 1 9  ? -8.567  -4.917  5.638   1.000 20.224 0 9   U   A "C2'" 1 ? 
ATOM   185 O  "O2'" . U   A 1 9  ? -9.011  -5.747  6.699   1.000 24.884 0 9   U   A "O2'" 1 ? 
ATOM   186 C  "C1'" . U   A 1 9  ? -7.696  -5.709  4.658   1.000 18.916 0 9   U   A "C1'" 1 ? 
ATOM   187 N  N1    . U   A 1 9  ? -6.699  -4.900  3.919   1.000 18.541 0 9   U   A N1    1 ? 
ATOM   188 C  C2    . U   A 1 9  ? -5.486  -4.650  4.549   1.000 17.015 0 9   U   A C2    1 ? 
ATOM   189 O  O2    . U   A 1 9  ? -5.263  -5.023  5.694   1.000 20.592 0 9   U   A O2    1 ? 
ATOM   190 N  N3    . U   A 1 9  ? -4.585  -3.919  3.820   1.000 16.277 0 9   U   A N3    1 ? 
ATOM   191 C  C4    . U   A 1 9  ? -4.752  -3.445  2.533   1.000 14.434 0 9   U   A C4    1 ? 
ATOM   192 O  O4    . U   A 1 9  ? -3.850  -2.824  1.965   1.000 15.563 0 9   U   A O4    1 ? 
ATOM   193 C  C5    . U   A 1 9  ? -6.034  -3.736  1.947   1.000 16.558 0 9   U   A C5    1 ? 
ATOM   194 C  C6    . U   A 1 9  ? -6.933  -4.439  2.646   1.000 15.924 0 9   U   A C6    1 ? 
HETATM 195 P  P     . RSP A 1 10 ? -11.218 -2.565  5.514   1.000 24.382 0 10  RSP A P     1 ? 
HETATM 196 N  N1    . RSP A 1 10 ? -6.239  -1.507  6.942   1.000 16.628 0 10  RSP A N1    1 ? 
HETATM 197 C  C2    . RSP A 1 10 ? -4.851  -1.059  6.879   1.000 15.409 0 10  RSP A C2    1 ? 
HETATM 198 S  S2    . RSP A 1 10 ? -3.925  -1.038  8.190   1.000 17.527 0 10  RSP A S2    1 ? 
HETATM 199 N  N3    . RSP A 1 10 ? -4.417  -0.647  5.648   1.000 13.574 0 10  RSP A N3    1 ? 
HETATM 200 C  C4    . RSP A 1 10 ? -5.250  -0.624  4.514   1.000 14.295 0 10  RSP A C4    1 ? 
HETATM 201 N  N4    . RSP A 1 10 ? -4.744  -0.225  3.378   1.000 14.578 0 10  RSP A N4    1 ? 
HETATM 202 C  C5    . RSP A 1 10 ? -6.657  -1.078  4.593   1.000 15.674 0 10  RSP A C5    1 ? 
HETATM 203 C  C6    . RSP A 1 10 ? -7.067  -1.487  5.788   1.000 17.065 0 10  RSP A C6    1 ? 
HETATM 204 C  "C1'" . RSP A 1 10 ? -6.703  -1.969  8.218   1.000 19.321 0 10  RSP A "C1'" 1 ? 
HETATM 205 C  "C2'" . RSP A 1 10 ? -7.137  -0.806  9.099   1.000 20.496 0 10  RSP A "C2'" 1 ? 
HETATM 206 O  "O2'" . RSP A 1 10 ? -6.999  -1.187  10.444  1.000 22.177 0 10  RSP A "O2'" 1 ? 
HETATM 207 C  "C3'" . RSP A 1 10 ? -8.666  -0.656  8.716   1.000 22.211 0 10  RSP A "C3'" 1 ? 
HETATM 208 O  "O3'" . RSP A 1 10 ? -9.372  0.098   9.705   1.000 23.088 0 10  RSP A "O3'" 1 ? 
HETATM 209 C  "C4'" . RSP A 1 10 ? -9.021  -2.163  8.749   1.000 23.192 0 10  RSP A "C4'" 1 ? 
HETATM 210 O  "O4'" . RSP A 1 10 ? -7.802  -2.852  8.115   1.000 22.724 0 10  RSP A "O4'" 1 ? 
HETATM 211 C  "C5'" . RSP A 1 10 ? -10.293 -2.550  7.971   1.000 24.397 0 10  RSP A "C5'" 1 ? 
HETATM 212 O  "O5'" . RSP A 1 10 ? -10.186 -2.080  6.648   1.000 23.449 0 10  RSP A "O5'" 1 ? 
HETATM 213 O  OP1   . RSP A 1 10 ? -12.604 -2.523  6.076   1.000 28.906 0 10  RSP A OP1   1 ? 
HETATM 214 O  OP2   . RSP A 1 10 ? -10.912 -1.746  4.314   1.000 24.903 0 10  RSP A OP2   1 ? 
ATOM   215 P  P     . U   A 1 11 ? -9.682  1.646   9.463   1.000 24.439 0 11  U   A P     1 ? 
ATOM   216 O  OP1   . U   A 1 11 ? -10.590 2.151   10.535  1.000 24.392 0 11  U   A OP1   1 ? 
ATOM   217 O  OP2   . U   A 1 11 ? -10.017 1.959   8.048   1.000 26.346 0 11  U   A OP2   1 ? 
ATOM   218 O  "O5'" . U   A 1 11 ? -8.226  2.295   9.669   1.000 21.476 0 11  U   A "O5'" 1 ? 
ATOM   219 C  "C5'" . U   A 1 11 ? -7.605  2.161   10.953  1.000 19.917 0 11  U   A "C5'" 1 ? 
ATOM   220 C  "C4'" . U   A 1 11 ? -6.160  2.559   10.796  1.000 18.582 0 11  U   A "C4'" 1 ? 
ATOM   221 O  "O4'" . U   A 1 11 ? -5.537  1.766   9.750   1.000 17.809 0 11  U   A "O4'" 1 ? 
ATOM   222 C  "C3'" . U   A 1 11 ? -5.894  3.977   10.283  1.000 17.896 0 11  U   A "C3'" 1 ? 
ATOM   223 O  "O3'" . U   A 1 11 ? -6.104  4.944   11.295  1.000 18.907 0 11  U   A "O3'" 1 ? 
ATOM   224 C  "C2'" . U   A 1 11 ? -4.418  3.838   9.929   1.000 18.204 0 11  U   A "C2'" 1 ? 
ATOM   225 O  "O2'" . U   A 1 11 ? -3.592  3.683   11.057  1.000 19.247 0 11  U   A "O2'" 1 ? 
ATOM   226 C  "C1'" . U   A 1 11 ? -4.473  2.510   9.176   1.000 14.996 0 11  U   A "C1'" 1 ? 
ATOM   227 N  N1    . U   A 1 11 ? -4.666  2.625   7.723   1.000 15.283 0 11  U   A N1    1 ? 
ATOM   228 C  C2    . U   A 1 11 ? -3.531  2.978   7.018   1.000 13.308 0 11  U   A C2    1 ? 
ATOM   229 O  O2    . U   A 1 11 ? -2.462  3.138   7.567   1.000 14.961 0 11  U   A O2    1 ? 
ATOM   230 N  N3    . U   A 1 11 ? -3.687  3.057   5.684   1.000 14.973 0 11  U   A N3    1 ? 
ATOM   231 C  C4    . U   A 1 11 ? -4.819  2.848   4.958   1.000 13.720 0 11  U   A C4    1 ? 
ATOM   232 O  O4    . U   A 1 11 ? -4.769  2.951   3.734   1.000 14.610 0 11  U   A O4    1 ? 
ATOM   233 C  C5    . U   A 1 11 ? -5.969  2.509   5.731   1.000 14.808 0 11  U   A C5    1 ? 
ATOM   234 C  C6    . U   A 1 11 ? -5.859  2.437   7.067   1.000 14.264 0 11  U   A C6    1 ? 
ATOM   235 P  P     . U   A 1 12 ? -6.517  6.462   10.900  1.000 19.306 0 12  U   A P     1 ? 
ATOM   236 O  OP1   . U   A 1 12 ? -6.999  6.988   12.194  1.000 19.524 0 12  U   A OP1   1 ? 
ATOM   237 O  OP2   . U   A 1 12 ? -7.360  6.583   9.679   1.000 20.311 0 12  U   A OP2   1 ? 
ATOM   238 O  "O5'" . U   A 1 12 ? -5.112  7.125   10.535  1.000 16.672 0 12  U   A "O5'" 1 ? 
ATOM   239 C  "C5'" . U   A 1 12 ? -4.086  7.286   11.548  1.000 16.656 0 12  U   A "C5'" 1 ? 
ATOM   240 C  "C4'" . U   A 1 12 ? -2.986  8.072   10.898  1.000 16.023 0 12  U   A "C4'" 1 ? 
ATOM   241 O  "O4'" . U   A 1 12 ? -2.308  7.269   9.907   1.000 15.895 0 12  U   A "O4'" 1 ? 
ATOM   242 C  "C3'" . U   A 1 12 ? -3.425  9.299   10.092  1.000 15.579 0 12  U   A "C3'" 1 ? 
ATOM   243 O  "O3'" . U   A 1 12 ? -3.678  10.402  10.947  1.000 15.853 0 12  U   A "O3'" 1 ? 
ATOM   244 C  "C2'" . U   A 1 12 ? -2.218  9.530   9.207   1.000 16.098 0 12  U   A "C2'" 1 ? 
ATOM   245 O  "O2'" . U   A 1 12 ? -1.128  10.033  9.957   1.000 16.031 0 12  U   A "O2'" 1 ? 
ATOM   246 C  "C1'" . U   A 1 12 ? -1.912  8.089   8.823   1.000 15.166 0 12  U   A "C1'" 1 ? 
ATOM   247 N  N1    . U   A 1 12 ? -2.613  7.615   7.619   1.000 14.360 0 12  U   A N1    1 ? 
ATOM   248 C  C2    . U   A 1 12 ? -2.035  7.916   6.419   1.000 14.652 0 12  U   A C2    1 ? 
ATOM   249 O  O2    . U   A 1 12 ? -1.056  8.636   6.318   1.000 16.107 0 12  U   A O2    1 ? 
ATOM   250 N  N3    . U   A 1 12 ? -2.705  7.408   5.331   1.000 14.297 0 12  U   A N3    1 ? 
ATOM   251 C  C4    . U   A 1 12 ? -3.832  6.615   5.336   1.000 15.225 0 12  U   A C4    1 ? 
ATOM   252 O  O4    . U   A 1 12 ? -4.272  6.179   4.271   1.000 15.101 0 12  U   A O4    1 ? 
ATOM   253 C  C5    . U   A 1 12 ? -4.365  6.349   6.631   1.000 14.863 0 12  U   A C5    1 ? 
ATOM   254 C  C6    . U   A 1 12 ? -3.746  6.849   7.709   1.000 15.440 0 12  U   A C6    1 ? 
ATOM   255 P  P     . C   A 1 13 ? -4.757  11.502  10.572  1.000 16.354 0 13  C   A P     1 ? 
ATOM   256 O  OP1   . C   A 1 13 ? -4.867  12.318  11.826  1.000 17.805 0 13  C   A OP1   1 ? 
ATOM   257 O  OP2   . C   A 1 13 ? -5.989  10.918  10.002  1.000 17.381 0 13  C   A OP2   1 ? 
ATOM   258 O  "O5'" . C   A 1 13 ? -4.163  12.319  9.326   1.000 15.583 0 13  C   A "O5'" 1 ? 
ATOM   259 C  "C5'" . C   A 1 13 ? -3.067  13.165  9.570   1.000 15.737 0 13  C   A "C5'" 1 ? 
ATOM   260 C  "C4'" . C   A 1 13 ? -2.527  13.615  8.244   1.000 14.818 0 13  C   A "C4'" 1 ? 
ATOM   261 O  "O4'" . C   A 1 13 ? -2.046  12.459  7.504   1.000 14.507 0 13  C   A "O4'" 1 ? 
ATOM   262 C  "C3'" . C   A 1 13 ? -3.497  14.296  7.265   1.000 13.352 0 13  C   A "C3'" 1 ? 
ATOM   263 O  "O3'" . C   A 1 13 ? -3.710  15.656  7.635   1.000 12.779 0 13  C   A "O3'" 1 ? 
ATOM   264 C  "C2'" . C   A 1 13 ? -2.672  14.187  5.990   1.000 12.791 0 13  C   A "C2'" 1 ? 
ATOM   265 O  "O2'" . C   A 1 13 ? -1.546  15.027  6.007   1.000 12.927 0 13  C   A "O2'" 1 ? 
ATOM   266 C  "C1'" . C   A 1 13 ? -2.171  12.750  6.116   1.000 13.076 0 13  C   A "C1'" 1 ? 
ATOM   267 N  N1    . C   A 1 13 ? -3.092  11.792  5.464   1.000 12.580 0 13  C   A N1    1 ? 
ATOM   268 C  C2    . C   A 1 13 ? -2.965  11.626  4.084   1.000 12.247 0 13  C   A C2    1 ? 
ATOM   269 O  O2    . C   A 1 13 ? -2.185  12.369  3.490   1.000 13.434 0 13  C   A O2    1 ? 
ATOM   270 N  N3    . C   A 1 13 ? -3.751  10.749  3.450   1.000 11.986 0 13  C   A N3    1 ? 
ATOM   271 C  C4    . C   A 1 13 ? -4.644  10.020  4.125   1.000 11.913 0 13  C   A C4    1 ? 
ATOM   272 N  N4    . C   A 1 13 ? -5.368  9.147   3.452   1.000 11.451 0 13  C   A N4    1 ? 
ATOM   273 C  C5    . C   A 1 13 ? -4.774  10.156  5.535   1.000 12.663 0 13  C   A C5    1 ? 
ATOM   274 C  C6    . C   A 1 13 ? -3.999  11.055  6.151   1.000 12.392 0 13  C   A C6    1 ? 
ATOM   275 P  P     . U   A 1 14 ? -5.058  16.419  7.300   1.000 12.705 0 14  U   A P     1 ? 
ATOM   276 O  OP1   . U   A 1 14 ? -4.971  17.756  7.957   1.000 13.556 0 14  U   A OP1   1 ? 
ATOM   277 O  OP2   . U   A 1 14 ? -6.206  15.546  7.540   1.000 13.382 0 14  U   A OP2   1 ? 
ATOM   278 O  "O5'" . U   A 1 14 ? -5.029  16.615  5.705   1.000 11.791 0 14  U   A "O5'" 1 ? 
ATOM   279 C  "C5'" . U   A 1 14 ? -4.103  17.614  5.168   1.000 11.890 0 14  U   A "C5'" 1 ? 
ATOM   280 C  "C4'" . U   A 1 14 ? -3.984  17.452  3.678   1.000 11.025 0 14  U   A "C4'" 1 ? 
ATOM   281 O  "O4'" . U   A 1 14 ? -3.581  16.112  3.324   1.000 11.233 0 14  U   A "O4'" 1 ? 
ATOM   282 C  "C3'" . U   A 1 14 ? -5.238  17.670  2.834   1.000 10.672 0 14  U   A "C3'" 1 ? 
ATOM   283 O  "O3'" . U   A 1 14 ? -5.428  19.049  2.658   1.000 11.537 0 14  U   A "O3'" 1 ? 
ATOM   284 C  "C2'" . U   A 1 14 ? -4.804  16.992  1.531   1.000 10.583 0 14  U   A "C2'" 1 ? 
ATOM   285 O  "O2'" . U   A 1 14 ? -3.814  17.783  0.914   1.000 10.678 0 14  U   A "O2'" 1 ? 
ATOM   286 C  "C1'" . U   A 1 14 ? -4.186  15.735  2.095   1.000 10.496 0 14  U   A "C1'" 1 ? 
ATOM   287 N  N1    . U   A 1 14 ? -5.142  14.621  2.328   1.000 10.640 0 14  U   A N1    1 ? 
ATOM   288 C  C2    . U   A 1 14 ? -5.509  13.852  1.226   1.000 10.164 0 14  U   A C2    1 ? 
ATOM   289 O  O2    . U   A 1 14 ? -5.132  14.117  0.100   1.000 11.705 0 14  U   A O2    1 ? 
ATOM   290 N  N3    . U   A 1 14 ? -6.312  12.778  1.503   1.000 10.098 0 14  U   A N3    1 ? 
ATOM   291 C  C4    . U   A 1 14 ? -6.762  12.381  2.735   1.000 11.238 0 14  U   A C4    1 ? 
ATOM   292 O  O4    . U   A 1 14 ? -7.501  11.402  2.815   1.000 11.360 0 14  U   A O4    1 ? 
ATOM   293 C  C5    . U   A 1 14 ? -6.390  13.241  3.818   1.000 10.857 0 14  U   A C5    1 ? 
ATOM   294 C  C6    . U   A 1 14 ? -5.610  14.298  3.574   1.000 10.628 0 14  U   A C6    1 ? 
ATOM   295 P  P     . C   A 1 15 ? -6.873  19.682  2.428   1.000 13.748 0 15  C   A P     1 ? 
ATOM   296 O  OP1   . C   A 1 15 ? -6.691  21.150  2.566   1.000 15.698 0 15  C   A OP1   1 ? 
ATOM   297 O  OP2   . C   A 1 15 ? -7.939  18.959  3.172   1.000 14.773 0 15  C   A OP2   1 ? 
ATOM   298 O  "O5'" . C   A 1 15 ? -7.214  19.352  0.907   1.000 12.691 0 15  C   A "O5'" 1 ? 
ATOM   299 C  "C5'" . C   A 1 15 ? -6.395  19.944  -0.132  1.000 12.286 0 15  C   A "C5'" 1 ? 
ATOM   300 C  "C4'" . C   A 1 15 ? -6.672  19.201  -1.419  1.000 12.650 0 15  C   A "C4'" 1 ? 
ATOM   301 O  "O4'" . C   A 1 15 ? -6.317  17.801  -1.323  1.000 11.224 0 15  C   A "O4'" 1 ? 
ATOM   302 C  "C3'" . C   A 1 15 ? -8.130  19.167  -1.865  1.000 12.107 0 15  C   A "C3'" 1 ? 
ATOM   303 O  "O3'" . C   A 1 15 ? -8.455  20.363  -2.554  1.000 14.187 0 15  C   A "O3'" 1 ? 
ATOM   304 C  "C2'" . C   A 1 15 ? -8.088  18.030  -2.861  1.000 11.890 0 15  C   A "C2'" 1 ? 
ATOM   305 O  "O2'" . C   A 1 15 ? -7.367  18.310  -4.043  1.000 12.534 0 15  C   A "O2'" 1 ? 
ATOM   306 C  "C1'" . C   A 1 15 ? -7.243  17.037  -2.079  1.000 10.904 0 15  C   A "C1'" 1 ? 
ATOM   307 N  N1    . C   A 1 15 ? -8.012  16.191  -1.137  1.000 10.610 0 15  C   A N1    1 ? 
ATOM   308 C  C2    . C   A 1 15 ? -8.550  15.012  -1.654  1.000 10.681 0 15  C   A C2    1 ? 
ATOM   309 O  O2    . C   A 1 15 ? -8.558  14.832  -2.893  1.000 11.434 0 15  C   A O2    1 ? 
ATOM   310 N  N3    . C   A 1 15 ? -9.143  14.124  -0.788  1.000 10.526 0 15  C   A N3    1 ? 
ATOM   311 C  C4    . C   A 1 15 ? -9.148  14.371  0.517   1.000 11.119 0 15  C   A C4    1 ? 
ATOM   312 N  N4    . C   A 1 15 ? -9.693  13.453  1.315   1.000 11.707 0 15  C   A N4    1 ? 
ATOM   313 C  C5    . C   A 1 15 ? -8.647  15.583  1.052   1.000 10.691 0 15  C   A C5    1 ? 
ATOM   314 C  C6    . C   A 1 15 ? -8.063  16.442  0.195   1.000 10.419 0 15  C   A C6    1 ? 
ATOM   315 P  P     . U   A 1 16 ? -9.887  21.012  -2.324  1.000 16.320 0 16  U   A P     1 ? 
ATOM   316 O  OP1   . U   A 1 16 ? -9.855  22.288  -3.079  1.000 18.499 0 16  U   A OP1   1 ? 
ATOM   317 O  OP2   . U   A 1 16 ? -10.313 20.965  -0.918  1.000 18.397 0 16  U   A OP2   1 ? 
ATOM   318 O  "O5'" . U   A 1 16 ? -10.933 20.035  -3.042  1.000 13.940 0 16  U   A "O5'" 1 ? 
ATOM   319 C  "C5'" . U   A 1 16 ? -10.867 19.909  -4.480  1.000 13.864 0 16  U   A "C5'" 1 ? 
ATOM   320 C  "C4'" . U   A 1 16 ? -11.684 18.735  -4.937  1.000 12.999 0 16  U   A "C4'" 1 ? 
ATOM   321 O  "O4'" . U   A 1 16 ? -11.115 17.510  -4.410  1.000 11.430 0 16  U   A "O4'" 1 ? 
ATOM   322 C  "C3'" . U   A 1 16 ? -13.136 18.680  -4.456  1.000 12.693 0 16  U   A "C3'" 1 ? 
ATOM   323 O  "O3'" . U   A 1 16 ? -13.962 19.554  -5.229  1.000 13.457 0 16  U   A "O3'" 1 ? 
ATOM   324 C  "C2'" . U   A 1 16 ? -13.466 17.211  -4.674  1.000 12.455 0 16  U   A "C2'" 1 ? 
ATOM   325 O  "O2'" . U   A 1 16 ? -13.687 16.972  -6.059  1.000 13.342 0 16  U   A "O2'" 1 ? 
ATOM   326 C  "C1'" . U   A 1 16 ? -12.152 16.561  -4.224  1.000 11.074 0 16  U   A "C1'" 1 ? 
ATOM   327 N  N1    . U   A 1 16 ? -12.157 16.210  -2.798  1.000 10.910 0 16  U   A N1    1 ? 
ATOM   328 C  C2    . U   A 1 16 ? -12.737 15.009  -2.469  1.000 11.407 0 16  U   A C2    1 ? 
ATOM   329 O  O2    . U   A 1 16 ? -13.243 14.281  -3.286  1.000 11.681 0 16  U   A O2    1 ? 
ATOM   330 N  N3    . U   A 1 16 ? -12.724 14.686  -1.141  1.000 10.701 0 16  U   A N3    1 ? 
ATOM   331 C  C4    . U   A 1 16 ? -12.269 15.466  -0.110  1.000 11.468 0 16  U   A C4    1 ? 
ATOM   332 O  O4    . U   A 1 16 ? -12.376 15.038  1.039   1.000 11.973 0 16  U   A O4    1 ? 
ATOM   333 C  C5    . U   A 1 16 ? -11.715 16.733  -0.497  1.000 11.647 0 16  U   A C5    1 ? 
ATOM   334 C  C6    . U   A 1 16 ? -11.697 17.054  -1.814  1.000 10.426 0 16  U   A C6    1 ? 
HETATM 335 CA CA    . CA  B 2 .  ? -10.428 24.258  -3.357  1.000 29.847 0 101 CA  A CA    1 ? 
HETATM 336 O  O     . HOH C 3 .  ? -5.808  -2.937  -9.476  1.000 31.648 0 201 HOH A O     1 ? 
HETATM 337 O  O     . HOH C 3 .  ? -5.628  19.931  8.029   1.000 22.096 0 202 HOH A O     1 ? 
HETATM 338 O  O     . HOH C 3 .  ? -11.921 20.074  0.643   1.000 32.626 0 203 HOH A O     1 ? 
HETATM 339 O  O     . HOH C 3 .  ? -4.898  -0.940  11.794  1.000 33.052 0 204 HOH A O     1 ? 
HETATM 340 O  O     . HOH C 3 .  ? 10.830  -9.333  1.274   1.000 26.952 0 205 HOH A O     1 ? 
HETATM 341 O  O     . HOH C 3 .  ? 11.634  -6.991  5.203   1.000 27.023 0 206 HOH A O     1 ? 
HETATM 342 O  O     . HOH C 3 .  ? -9.031  10.586  4.698   1.000 28.486 0 207 HOH A O     1 ? 
HETATM 343 O  O     . HOH C 3 .  ? -8.065  23.986  -3.830  1.000 29.910 0 208 HOH A O     1 ? 
HETATM 344 O  O     . HOH C 3 .  ? -16.492 19.309  -4.750  1.000 24.188 0 209 HOH A O     1 ? 
HETATM 345 O  O     . HOH C 3 .  ? -4.185  3.847   13.582  1.000 22.032 0 210 HOH A O     1 ? 
HETATM 346 O  O     . HOH C 3 .  ? 8.057   -4.583  -4.580  1.000 28.682 0 211 HOH A O     1 ? 
HETATM 347 O  O     . HOH C 3 .  ? -4.758  17.949  -4.263  1.000 28.980 0 212 HOH A O     1 ? 
HETATM 348 O  O     . HOH C 3 .  ? -0.101  -1.739  -9.354  1.000 30.397 0 213 HOH A O     1 ? 
HETATM 349 O  O     . HOH C 3 .  ? -6.690  23.517  1.333   1.000 29.600 0 214 HOH A O     1 ? 
HETATM 350 O  O     . HOH C 3 .  ? 12.308  -7.250  -11.816 1.000 28.803 0 215 HOH A O     1 ? 
HETATM 351 O  O     . HOH C 3 .  ? -9.230  -5.467  -7.595  1.000 29.649 0 216 HOH A O     1 ? 
HETATM 352 O  O     . HOH C 3 .  ? 9.162   -10.027 -0.400  1.000 19.125 0 217 HOH A O     1 ? 
HETATM 353 O  O     . HOH C 3 .  ? -6.781  5.527   3.566   1.000 27.464 0 218 HOH A O     1 ? 
HETATM 354 O  O     . HOH C 3 .  ? -3.585  -1.706  -0.465  1.000 29.186 0 219 HOH A O     1 ? 
HETATM 355 O  O     . HOH C 3 .  ? -1.176  17.434  7.153   0.330 13.259 0 220 HOH A O     1 ? 
HETATM 356 O  O     . HOH C 3 .  ? 3.661   -5.009  -4.613  1.000 28.899 0 221 HOH A O     1 ? 
HETATM 357 O  O     . HOH C 3 .  ? -1.980  -10.819 -7.332  1.000 26.681 0 222 HOH A O     1 ? 
HETATM 358 O  O     . HOH C 3 .  ? 8.747   -7.896  -2.788  1.000 28.787 0 223 HOH A O     1 ? 
HETATM 359 O  O     . HOH C 3 .  ? 6.537   -6.688  -3.982  1.000 24.025 0 224 HOH A O     1 ? 
HETATM 360 O  O     . HOH C 3 .  ? 0.439   13.053  3.449   1.000 24.251 0 225 HOH A O     1 ? 
HETATM 361 O  O     . HOH C 3 .  ? -6.838  9.122   8.146   1.000 21.344 0 226 HOH A O     1 ? 
HETATM 362 O  O     . HOH C 3 .  ? 13.097  -1.327  -2.521  1.000 37.080 0 227 HOH A O     1 ? 
HETATM 363 O  O     . HOH C 3 .  ? 7.478   -10.026 -2.330  1.000 20.354 0 228 HOH A O     1 ? 
HETATM 364 O  O     . HOH C 3 .  ? 10.593  -12.917 1.767   1.000 28.884 0 229 HOH A O     1 ? 
HETATM 365 O  O     . HOH C 3 .  ? 14.004  -1.427  -5.936  1.000 28.430 0 230 HOH A O     1 ? 
HETATM 366 O  O     . HOH C 3 .  ? -11.762 16.249  3.404   1.000 22.858 0 231 HOH A O     1 ? 
HETATM 367 O  O     . HOH C 3 .  ? -15.143 13.365  -5.016  1.000 27.595 0 232 HOH A O     1 ? 
HETATM 368 O  O     . HOH C 3 .  ? 3.514   -5.173  -13.486 1.000 28.588 0 233 HOH A O     1 ? 
HETATM 369 O  O     . HOH C 3 .  ? -6.713  19.134  9.542   1.000 28.465 0 234 HOH A O     1 ? 
HETATM 370 O  O     . HOH C 3 .  ? 10.565  -0.514  -4.750  1.000 26.705 0 235 HOH A O     1 ? 
HETATM 371 O  O     . HOH C 3 .  ? 11.003  -10.525 7.831   1.000 28.784 0 236 HOH A O     1 ? 
HETATM 372 O  O     . HOH C 3 .  ? 5.174   -3.884  -6.372  1.000 25.027 0 237 HOH A O     1 ? 
HETATM 373 O  O     . HOH C 3 .  ? -1.382  2.152   10.507  1.000 35.838 0 238 HOH A O     1 ? 
HETATM 374 O  O     . HOH C 3 .  ? 17.448  -13.543 2.172   1.000 28.378 0 239 HOH A O     1 ? 
HETATM 375 O  O     . HOH C 3 .  ? 14.171  -9.262  -7.081  1.000 17.045 0 240 HOH A O     1 ? 
HETATM 376 O  O     . HOH C 3 .  ? 3.474   -1.990  -12.735 1.000 19.247 0 241 HOH A O     1 ? 
HETATM 377 O  O     . HOH C 3 .  ? 1.729   -5.149  -1.071  1.000 29.477 0 242 HOH A O     1 ? 
HETATM 378 O  O     . HOH C 3 .  ? -3.864  15.058  -2.194  1.000 33.796 0 243 HOH A O     1 ? 
HETATM 379 O  O     . HOH C 3 .  ? -6.552  9.183   13.850  1.000 31.498 0 244 HOH A O     1 ? 
HETATM 380 O  O     . HOH C 3 .  ? 17.324  -9.590  -2.307  1.000 25.975 0 245 HOH A O     1 ? 
HETATM 381 O  O     . HOH C 3 .  ? 9.933   -15.402 -1.018  1.000 19.025 0 246 HOH A O     1 ? 
HETATM 382 O  O     . HOH C 3 .  ? -2.787  20.403  1.055   1.000 16.880 0 247 HOH A O     1 ? 
HETATM 383 O  O     . HOH C 3 .  ? -3.703  -4.070  -3.045  1.000 26.647 0 248 HOH A O     1 ? 
HETATM 384 O  O     . HOH C 3 .  ? -5.942  -5.089  -10.624 0.330 23.118 0 249 HOH A O     1 ? 
HETATM 385 O  O     . HOH C 3 .  ? 0.794   -4.677  -3.529  1.000 23.538 0 250 HOH A O     1 ? 
HETATM 386 O  O     . HOH C 3 .  ? 10.478  -18.788 0.817   1.000 33.771 0 251 HOH A O     1 ? 
HETATM 387 O  O     . HOH C 3 .  ? -7.522  5.837   6.917   1.000 25.017 0 252 HOH A O     1 ? 
HETATM 388 O  O     . HOH C 3 .  ? -3.136  19.926  7.577   0.330 15.718 0 253 HOH A O     1 ? 
HETATM 389 O  O     . HOH C 3 .  ? 9.612   -7.527  -0.475  1.000 34.779 0 254 HOH A O     1 ? 
HETATM 390 O  O     . HOH C 3 .  ? -4.009  -7.547  -11.042 0.330 15.733 0 255 HOH A O     1 ? 
HETATM 391 O  O     . HOH C 3 .  ? -7.569  12.893  12.722  1.000 34.962 0 256 HOH A O     1 ? 
HETATM 392 O  O     . HOH C 3 .  ? 10.821  -19.144 -1.588  1.000 39.665 0 257 HOH A O     1 ? 
HETATM 393 O  O     . HOH C 3 .  ? -9.854  14.156  4.161   1.000 17.353 0 258 HOH A O     1 ? 
HETATM 394 O  O     . HOH C 3 .  ? -9.019  24.639  -1.508  1.000 32.884 0 259 HOH A O     1 ? 
HETATM 395 O  O     . HOH C 3 .  ? -10.363 19.211  1.500   1.000 26.851 0 260 HOH A O     1 ? 
HETATM 396 O  O     . HOH C 3 .  ? -6.915  12.673  7.517   1.000 21.940 0 261 HOH A O     1 ? 
HETATM 397 O  O     . HOH C 3 .  ? -6.888  0.051   1.293   1.000 25.995 0 262 HOH A O     1 ? 
HETATM 398 O  O     . HOH C 3 .  ? -7.474  7.989   5.266   1.000 20.748 0 263 HOH A O     1 ? 
HETATM 399 O  O     . HOH C 3 .  ? 0.973   -3.895  -6.371  1.000 30.424 0 264 HOH A O     1 ? 
HETATM 400 O  O     . HOH C 3 .  ? 14.373  -7.178  -9.532  1.000 28.494 0 265 HOH A O     1 ? 
HETATM 401 O  O     . HOH C 3 .  ? -0.880  -3.110  -1.055  1.000 28.295 0 266 HOH A O     1 ? 
HETATM 402 O  O     . HOH C 3 .  ? -11.213 23.912  -5.415  1.000 22.519 0 267 HOH A O     1 ? 
HETATM 403 O  O     . HOH C 3 .  ? 7.559   -13.385 -0.758  1.000 30.388 0 268 HOH A O     1 ? 
HETATM 404 O  O     . HOH C 3 .  ? -1.566  -10.654 -11.570 0.330 47.431 0 269 HOH A O     1 ? 
HETATM 405 O  O     . HOH C 3 .  ? 5.921   -4.216  -3.730  1.000 36.113 0 270 HOH A O     1 ? 
HETATM 406 O  O     . HOH C 3 .  ? 5.034   0.579   -9.409  1.000 46.618 0 271 HOH A O     1 ? 
HETATM 407 O  O     . HOH C 3 .  ? 2.936   -4.073  -2.582  1.000 17.384 0 272 HOH A O     1 ? 
HETATM 408 O  O     . HOH C 3 .  ? 6.954   -11.170 -0.192  1.000 16.408 0 273 HOH A O     1 ? 
HETATM 409 O  O     . HOH C 3 .  ? 7.184   -2.337  -2.808  1.000 33.583 0 274 HOH A O     1 ? 
HETATM 410 O  O     . HOH C 3 .  ? -4.566  22.357  -2.139  1.000 35.243 0 275 HOH A O     1 ? 
HETATM 411 O  O     . HOH C 3 .  ? 15.704  -1.943  -6.936  1.000 24.326 0 276 HOH A O     1 ? 
HETATM 412 O  O     . HOH C 3 .  ? -9.193  13.851  10.816  1.000 25.380 0 277 HOH A O     1 ? 
HETATM 413 O  O     . HOH C 3 .  ? 7.622   -9.343  1.087   1.000 40.172 0 278 HOH A O     1 ? 
HETATM 414 O  O     . HOH C 3 .  ? 14.416  -0.926  -0.994  1.000 33.188 0 279 HOH A O     1 ? 
HETATM 415 O  O     . HOH C 3 .  ? 6.769   -11.724 2.091   1.000 34.829 0 280 HOH A O     1 ? 
# 
